data_5ETZ
#
_entry.id   5ETZ
#
_cell.length_a   154.400
_cell.length_b   97.770
_cell.length_c   101.620
_cell.angle_alpha   90.00
_cell.angle_beta   128.81
_cell.angle_gamma   90.00
#
_symmetry.space_group_name_H-M   'C 1 2 1'
#
loop_
_entity.id
_entity.type
_entity.pdbx_description
1 polymer Halorhodopsin
2 non-polymer RETINAL
3 non-polymer BACTERIORUBERIN
4 non-polymer "2,3-DI-O-PHYTANLY-3-SN-GLYCERO-1-PHOSPHORYL-3'-SN-GLYCEROL-1'-PHOSPHATE"
5 non-polymer 'nonyl beta-D-glucopyranoside'
6 water water
#
_entity_poly.entity_id   1
_entity_poly.type   'polypeptide(L)'
_entity_poly.pdbx_seq_one_letter_code
;MTETLPPVTESAVALQAEVTQRELFEFVLNDPLLASSLYINIALAGLSILLFVFMTRGLDDPRAKLIAVSTILVPVVSIA
SYTGLASGLTISVLEMPAGHFAEGSSVMLGGEEVDGVVTMWGRYLTWALSTPMILLALGLLAGSNATKLFTAITFDIAMC
VTGLAAALTTSSHLMRWFWYAISCACFIVVLYILLVEWAQDAKAAGTADIFSTLKLLTVVMWLGYPIVWALGVEGVAVLP
VGYTSWAYSALDIVAKYIFAFLLLNYLTSNEGVVSGSILDVPSASGAPADD
;
_entity_poly.pdbx_strand_id   A,B,D
#
loop_
_chem_comp.id
_chem_comp.type
_chem_comp.name
_chem_comp.formula
22B non-polymer BACTERIORUBERIN 'C50 H76 O4'
BNG D-saccharide 'nonyl beta-D-glucopyranoside' 'C15 H30 O6'
L3P non-polymer 2,3-DI-O-PHYTANLY-3-SN-GLYCERO-1-PHOSPHORYL-3'-SN-GLYCEROL-1'-PHOSPHATE 'C46 H94 O11 P2 -2'
RET non-polymer RETINAL 'C20 H28 O'
#
# COMPACT_ATOMS: atom_id res chain seq x y z
N GLU A 18 -19.99 -0.93 -17.74
CA GLU A 18 -20.39 -1.20 -19.15
C GLU A 18 -19.20 -1.67 -19.96
N VAL A 19 -18.12 -0.90 -19.93
CA VAL A 19 -16.90 -1.25 -20.67
C VAL A 19 -16.16 -2.38 -19.97
N THR A 20 -15.80 -3.41 -20.72
CA THR A 20 -15.08 -4.56 -20.15
C THR A 20 -13.59 -4.47 -20.37
N GLN A 21 -12.87 -5.27 -19.59
CA GLN A 21 -11.43 -5.33 -19.68
C GLN A 21 -11.03 -5.80 -21.08
N ARG A 22 -11.80 -6.76 -21.60
CA ARG A 22 -11.54 -7.30 -22.94
C ARG A 22 -11.65 -6.20 -24.00
N GLU A 23 -12.69 -5.39 -23.91
CA GLU A 23 -12.87 -4.31 -24.88
C GLU A 23 -11.71 -3.34 -24.85
N LEU A 24 -11.18 -3.07 -23.67
CA LEU A 24 -10.04 -2.15 -23.53
C LEU A 24 -8.76 -2.81 -24.04
N PHE A 25 -8.63 -4.11 -23.78
CA PHE A 25 -7.48 -4.89 -24.23
C PHE A 25 -7.46 -4.84 -25.76
N GLU A 26 -8.63 -5.04 -26.37
CA GLU A 26 -8.73 -5.03 -27.83
C GLU A 26 -8.55 -3.63 -28.40
N PHE A 27 -8.98 -2.62 -27.66
CA PHE A 27 -8.81 -1.24 -28.12
C PHE A 27 -7.31 -0.95 -28.22
N VAL A 28 -6.55 -1.32 -27.18
CA VAL A 28 -5.10 -1.11 -27.19
C VAL A 28 -4.55 -1.83 -28.42
N LEU A 29 -4.90 -3.10 -28.58
CA LEU A 29 -4.48 -3.84 -29.76
C LEU A 29 -5.29 -3.10 -30.82
N ASN A 30 -4.94 -3.22 -32.09
CA ASN A 30 -5.70 -2.52 -33.13
C ASN A 30 -5.39 -1.03 -33.16
N ASP A 31 -4.72 -0.52 -32.12
CA ASP A 31 -4.30 0.89 -32.10
C ASP A 31 -2.78 0.84 -32.08
N PRO A 32 -2.16 0.88 -33.27
CA PRO A 32 -0.70 0.83 -33.48
C PRO A 32 0.14 1.64 -32.48
N LEU A 33 -0.17 2.93 -32.35
CA LEU A 33 0.57 3.80 -31.43
C LEU A 33 0.46 3.32 -30.00
N LEU A 34 -0.78 3.15 -29.54
CA LEU A 34 -1.02 2.71 -28.19
C LEU A 34 -0.41 1.34 -27.90
N ALA A 35 -0.66 0.39 -28.80
CA ALA A 35 -0.13 -0.96 -28.64
C ALA A 35 1.39 -0.96 -28.53
N SER A 36 2.07 -0.32 -29.48
CA SER A 36 3.52 -0.27 -29.48
C SER A 36 4.11 0.41 -28.24
N SER A 37 3.51 1.52 -27.81
CA SER A 37 4.02 2.24 -26.64
C SER A 37 4.02 1.36 -25.40
N LEU A 38 3.08 0.43 -25.33
CA LEU A 38 2.98 -0.45 -24.18
C LEU A 38 3.82 -1.72 -24.30
N TYR A 39 3.65 -2.46 -25.39
CA TYR A 39 4.38 -3.71 -25.57
C TYR A 39 5.88 -3.56 -25.75
N ILE A 40 6.32 -2.45 -26.32
CA ILE A 40 7.76 -2.26 -26.48
C ILE A 40 8.40 -2.12 -25.10
N ASN A 41 7.69 -1.51 -24.16
CA ASN A 41 8.26 -1.37 -22.84
C ASN A 41 8.21 -2.65 -22.03
N ILE A 42 7.25 -3.52 -22.34
CA ILE A 42 7.18 -4.80 -21.65
C ILE A 42 8.46 -5.54 -22.08
N ALA A 43 8.77 -5.47 -23.38
CA ALA A 43 9.95 -6.12 -23.95
C ALA A 43 11.26 -5.51 -23.43
N LEU A 44 11.36 -4.19 -23.44
CA LEU A 44 12.57 -3.53 -22.99
C LEU A 44 12.82 -3.75 -21.49
N ALA A 45 11.75 -3.77 -20.71
CA ALA A 45 11.89 -3.98 -19.27
C ALA A 45 12.41 -5.40 -19.02
N GLY A 46 11.87 -6.35 -19.78
CA GLY A 46 12.29 -7.74 -19.62
C GLY A 46 13.76 -7.92 -19.98
N LEU A 47 14.16 -7.37 -21.12
CA LEU A 47 15.55 -7.48 -21.55
C LEU A 47 16.45 -6.76 -20.56
N SER A 48 15.97 -5.65 -19.99
CA SER A 48 16.75 -4.89 -19.01
C SER A 48 17.02 -5.74 -17.78
N ILE A 49 15.99 -6.44 -17.30
CA ILE A 49 16.16 -7.28 -16.11
C ILE A 49 17.26 -8.31 -16.36
N LEU A 50 17.17 -9.01 -17.49
CA LEU A 50 18.15 -10.02 -17.83
C LEU A 50 19.56 -9.44 -17.91
N LEU A 51 19.69 -8.30 -18.61
CA LEU A 51 20.99 -7.64 -18.75
C LEU A 51 21.56 -7.17 -17.42
N PHE A 52 20.71 -6.59 -16.57
CA PHE A 52 21.16 -6.08 -15.29
C PHE A 52 21.58 -7.20 -14.33
N VAL A 53 20.83 -8.30 -14.34
CA VAL A 53 21.16 -9.43 -13.48
C VAL A 53 22.53 -9.99 -13.89
N PHE A 54 22.75 -10.06 -15.20
CA PHE A 54 24.01 -10.55 -15.75
C PHE A 54 25.17 -9.62 -15.34
N MET A 55 24.97 -8.32 -15.53
CA MET A 55 25.98 -7.31 -15.20
C MET A 55 26.44 -7.30 -13.75
N THR A 56 25.51 -7.55 -12.83
CA THR A 56 25.79 -7.50 -11.40
C THR A 56 26.12 -8.82 -10.73
N ARG A 57 26.30 -9.88 -11.51
CA ARG A 57 26.61 -11.20 -10.97
C ARG A 57 27.88 -11.27 -10.13
N GLY A 58 28.82 -10.36 -10.37
CA GLY A 58 30.07 -10.38 -9.62
C GLY A 58 30.09 -9.63 -8.31
N LEU A 59 29.03 -8.90 -8.00
CA LEU A 59 28.93 -8.13 -6.75
C LEU A 59 28.90 -9.00 -5.50
N ASP A 60 29.64 -8.60 -4.47
CA ASP A 60 29.67 -9.35 -3.22
C ASP A 60 29.31 -8.50 -2.00
N ASP A 61 29.70 -7.23 -2.02
CA ASP A 61 29.42 -6.34 -0.90
C ASP A 61 27.92 -6.10 -0.71
N PRO A 62 27.43 -6.26 0.53
CA PRO A 62 26.01 -6.06 0.85
C PRO A 62 25.43 -4.71 0.45
N ARG A 63 26.19 -3.64 0.68
CA ARG A 63 25.70 -2.30 0.33
C ARG A 63 25.64 -2.16 -1.19
N ALA A 64 26.67 -2.64 -1.89
CA ALA A 64 26.69 -2.59 -3.34
C ALA A 64 25.51 -3.40 -3.89
N LYS A 65 25.24 -4.54 -3.25
CA LYS A 65 24.14 -5.40 -3.70
C LYS A 65 22.77 -4.76 -3.45
N LEU A 66 22.67 -3.91 -2.43
CA LEU A 66 21.41 -3.24 -2.13
C LEU A 66 21.15 -2.23 -3.24
N ILE A 67 22.19 -1.51 -3.66
CA ILE A 67 22.05 -0.53 -4.73
C ILE A 67 21.64 -1.27 -6.00
N ALA A 68 22.21 -2.45 -6.20
CA ALA A 68 21.90 -3.26 -7.37
C ALA A 68 20.45 -3.75 -7.40
N VAL A 69 19.97 -4.31 -6.29
CA VAL A 69 18.60 -4.81 -6.26
C VAL A 69 17.57 -3.68 -6.37
N SER A 70 17.83 -2.56 -5.71
CA SER A 70 16.91 -1.43 -5.78
C SER A 70 16.78 -0.98 -7.25
N THR A 71 17.90 -0.95 -7.96
CA THR A 71 17.90 -0.53 -9.36
C THR A 71 17.18 -1.57 -10.23
N ILE A 72 17.49 -2.84 -10.02
CA ILE A 72 16.86 -3.92 -10.79
C ILE A 72 15.36 -3.94 -10.55
N LEU A 73 14.91 -3.56 -9.37
CA LEU A 73 13.48 -3.53 -9.07
C LEU A 73 12.74 -2.53 -9.98
N VAL A 74 13.46 -1.54 -10.50
CA VAL A 74 12.81 -0.57 -11.38
C VAL A 74 12.19 -1.25 -12.61
N PRO A 75 13.00 -1.99 -13.40
CA PRO A 75 12.37 -2.64 -14.57
C PRO A 75 11.43 -3.78 -14.18
N VAL A 76 11.59 -4.32 -12.98
CA VAL A 76 10.69 -5.38 -12.51
C VAL A 76 9.31 -4.75 -12.32
N VAL A 77 9.26 -3.62 -11.62
CA VAL A 77 7.98 -2.92 -11.41
C VAL A 77 7.42 -2.48 -12.77
N SER A 78 8.30 -2.03 -13.65
CA SER A 78 7.86 -1.57 -14.96
C SER A 78 7.22 -2.66 -15.82
N ILE A 79 7.84 -3.84 -15.88
CA ILE A 79 7.28 -4.91 -16.70
C ILE A 79 5.92 -5.34 -16.18
N ALA A 80 5.78 -5.42 -14.86
CA ALA A 80 4.50 -5.81 -14.25
C ALA A 80 3.45 -4.73 -14.50
N SER A 81 3.83 -3.47 -14.28
CA SER A 81 2.92 -2.35 -14.47
C SER A 81 2.46 -2.16 -15.91
N TYR A 82 3.37 -2.31 -16.86
CA TYR A 82 3.00 -2.17 -18.26
C TYR A 82 2.10 -3.33 -18.70
N THR A 83 2.25 -4.48 -18.03
CA THR A 83 1.39 -5.61 -18.36
C THR A 83 0.00 -5.25 -17.82
N GLY A 84 -0.04 -4.51 -16.72
CA GLY A 84 -1.32 -4.09 -16.16
C GLY A 84 -2.07 -3.24 -17.17
N LEU A 85 -1.35 -2.39 -17.88
CA LEU A 85 -1.93 -1.52 -18.90
C LEU A 85 -2.32 -2.29 -20.17
N ALA A 86 -1.39 -3.05 -20.73
CA ALA A 86 -1.66 -3.80 -21.96
C ALA A 86 -2.83 -4.78 -21.81
N SER A 87 -2.95 -5.38 -20.63
CA SER A 87 -4.02 -6.34 -20.35
C SER A 87 -5.37 -5.66 -20.18
N GLY A 88 -5.33 -4.35 -19.96
CA GLY A 88 -6.56 -3.58 -19.75
C GLY A 88 -6.98 -3.51 -18.30
N LEU A 89 -6.26 -4.24 -17.44
CA LEU A 89 -6.56 -4.28 -16.01
C LEU A 89 -6.51 -2.91 -15.34
N THR A 90 -5.51 -2.11 -15.70
CA THR A 90 -5.36 -0.79 -15.09
C THR A 90 -5.68 0.38 -16.02
N ILE A 91 -6.69 0.18 -16.86
CA ILE A 91 -7.17 1.21 -17.79
C ILE A 91 -8.66 1.38 -17.52
N SER A 92 -9.14 2.62 -17.59
CA SER A 92 -10.57 2.90 -17.38
C SER A 92 -11.00 3.98 -18.37
N VAL A 93 -12.31 4.11 -18.59
CA VAL A 93 -12.82 5.15 -19.46
C VAL A 93 -13.48 6.16 -18.54
N LEU A 94 -12.98 7.39 -18.54
CA LEU A 94 -13.52 8.44 -17.68
C LEU A 94 -14.02 9.62 -18.49
N GLU A 95 -15.09 10.24 -18.03
CA GLU A 95 -15.64 11.40 -18.71
C GLU A 95 -15.08 12.64 -18.01
N MET A 96 -14.41 13.49 -18.77
CA MET A 96 -13.83 14.71 -18.19
C MET A 96 -14.91 15.72 -17.81
N PRO A 97 -14.64 16.54 -16.79
CA PRO A 97 -15.61 17.55 -16.34
C PRO A 97 -15.77 18.71 -17.30
N ALA A 98 -16.87 19.44 -17.14
CA ALA A 98 -17.17 20.60 -17.98
C ALA A 98 -15.99 21.56 -18.04
N GLY A 99 -15.66 22.01 -19.25
CA GLY A 99 -14.55 22.94 -19.41
C GLY A 99 -13.22 22.27 -19.68
N HIS A 100 -13.11 20.98 -19.34
CA HIS A 100 -11.86 20.27 -19.59
C HIS A 100 -11.75 20.15 -21.11
N PHE A 101 -10.54 20.38 -21.62
CA PHE A 101 -10.31 20.35 -23.06
C PHE A 101 -10.62 19.02 -23.76
N ALA A 102 -10.80 17.96 -22.99
CA ALA A 102 -11.12 16.66 -23.58
C ALA A 102 -12.57 16.28 -23.26
N GLU A 103 -13.33 17.24 -22.72
CA GLU A 103 -14.74 17.01 -22.40
C GLU A 103 -15.46 16.67 -23.70
N GLY A 104 -16.46 15.80 -23.63
CA GLY A 104 -17.21 15.46 -24.82
C GLY A 104 -16.54 14.52 -25.82
N SER A 105 -15.41 13.93 -25.42
CA SER A 105 -14.70 13.01 -26.29
C SER A 105 -15.43 11.67 -26.34
N SER A 106 -15.16 10.89 -27.39
CA SER A 106 -15.75 9.56 -27.60
C SER A 106 -14.61 8.59 -27.85
N VAL A 107 -14.85 7.29 -27.64
CA VAL A 107 -13.78 6.30 -27.83
C VAL A 107 -14.04 5.08 -28.70
N MET A 108 -15.30 4.72 -28.92
CA MET A 108 -15.59 3.56 -29.76
C MET A 108 -15.02 2.28 -29.13
N LEU A 109 -15.79 1.63 -28.28
CA LEU A 109 -15.35 0.41 -27.61
C LEU A 109 -16.35 -0.72 -27.77
N GLY A 110 -15.84 -1.93 -28.00
CA GLY A 110 -16.71 -3.08 -28.16
C GLY A 110 -17.42 -3.10 -29.50
N GLY A 111 -18.08 -1.99 -29.81
CA GLY A 111 -18.81 -1.89 -31.06
C GLY A 111 -19.60 -0.61 -31.13
N GLU A 112 -19.70 0.09 -30.00
CA GLU A 112 -20.44 1.34 -29.94
C GLU A 112 -19.55 2.51 -29.54
N GLU A 113 -20.13 3.70 -29.59
CA GLU A 113 -19.41 4.91 -29.21
C GLU A 113 -19.64 5.12 -27.73
N VAL A 114 -18.55 5.22 -26.98
CA VAL A 114 -18.65 5.42 -25.53
C VAL A 114 -18.09 6.79 -25.19
N ASP A 115 -18.81 7.53 -24.34
CA ASP A 115 -18.35 8.85 -23.94
C ASP A 115 -17.16 8.74 -22.98
N GLY A 116 -16.20 9.64 -23.14
CA GLY A 116 -15.06 9.60 -22.24
C GLY A 116 -13.71 9.48 -22.92
N VAL A 117 -12.68 9.34 -22.08
CA VAL A 117 -11.33 9.21 -22.55
C VAL A 117 -10.70 7.95 -21.97
N VAL A 118 -10.02 7.17 -22.82
CA VAL A 118 -9.36 5.95 -22.35
C VAL A 118 -8.25 6.48 -21.43
N THR A 119 -8.40 6.19 -20.15
CA THR A 119 -7.49 6.67 -19.12
C THR A 119 -6.56 5.60 -18.57
N MET A 120 -5.28 5.69 -18.94
CA MET A 120 -4.30 4.71 -18.50
C MET A 120 -3.74 5.06 -17.12
N TRP A 121 -4.59 4.95 -16.11
CA TRP A 121 -4.21 5.29 -14.75
C TRP A 121 -3.16 4.33 -14.18
N GLY A 122 -3.00 3.18 -14.81
CA GLY A 122 -2.02 2.21 -14.34
C GLY A 122 -0.60 2.78 -14.36
N ARG A 123 -0.37 3.82 -15.16
CA ARG A 123 0.96 4.41 -15.21
C ARG A 123 1.35 4.97 -13.84
N TYR A 124 0.37 5.46 -13.09
CA TYR A 124 0.66 6.01 -11.78
C TYR A 124 1.16 4.94 -10.81
N LEU A 125 0.81 3.69 -11.09
CA LEU A 125 1.27 2.56 -10.26
C LEU A 125 2.71 2.29 -10.65
N THR A 126 2.99 2.36 -11.94
CA THR A 126 4.35 2.16 -12.40
C THR A 126 5.25 3.19 -11.69
N TRP A 127 4.75 4.41 -11.57
CA TRP A 127 5.51 5.50 -10.93
C TRP A 127 5.64 5.40 -9.42
N ALA A 128 4.53 5.14 -8.74
CA ALA A 128 4.53 5.05 -7.28
C ALA A 128 5.42 3.93 -6.73
N LEU A 129 5.58 2.85 -7.49
CA LEU A 129 6.39 1.72 -7.04
C LEU A 129 7.82 1.76 -7.54
N SER A 130 8.05 2.39 -8.68
CA SER A 130 9.38 2.45 -9.25
C SER A 130 10.21 3.68 -8.85
N THR A 131 9.57 4.86 -8.75
CA THR A 131 10.32 6.05 -8.40
C THR A 131 10.98 5.96 -7.04
N PRO A 132 10.35 5.29 -6.06
CA PRO A 132 11.01 5.18 -4.75
C PRO A 132 12.30 4.36 -4.90
N MET A 133 12.30 3.40 -5.83
CA MET A 133 13.48 2.55 -6.04
C MET A 133 14.61 3.33 -6.72
N ILE A 134 14.24 4.23 -7.63
CA ILE A 134 15.23 5.05 -8.32
C ILE A 134 15.88 5.94 -7.25
N LEU A 135 15.04 6.55 -6.42
CA LEU A 135 15.51 7.42 -5.34
C LEU A 135 16.36 6.68 -4.30
N LEU A 136 15.97 5.45 -3.96
CA LEU A 136 16.72 4.67 -2.97
C LEU A 136 18.11 4.41 -3.54
N ALA A 137 18.17 4.01 -4.80
CA ALA A 137 19.45 3.73 -5.44
C ALA A 137 20.33 4.98 -5.50
N LEU A 138 19.74 6.11 -5.88
CA LEU A 138 20.49 7.36 -5.98
C LEU A 138 20.97 7.85 -4.61
N GLY A 139 20.11 7.77 -3.61
CA GLY A 139 20.47 8.20 -2.27
C GLY A 139 21.64 7.41 -1.71
N LEU A 140 21.59 6.10 -1.92
CA LEU A 140 22.65 5.22 -1.46
C LEU A 140 23.94 5.54 -2.21
N LEU A 141 23.83 5.79 -3.52
CA LEU A 141 25.01 6.12 -4.30
C LEU A 141 25.65 7.39 -3.73
N ALA A 142 24.82 8.37 -3.37
CA ALA A 142 25.29 9.64 -2.83
C ALA A 142 25.71 9.57 -1.35
N GLY A 143 25.52 8.40 -0.73
CA GLY A 143 25.88 8.25 0.66
C GLY A 143 24.95 9.03 1.59
N SER A 144 23.67 9.05 1.25
CA SER A 144 22.65 9.76 2.01
C SER A 144 22.36 9.15 3.39
N ASN A 145 22.00 10.01 4.35
CA ASN A 145 21.64 9.50 5.67
C ASN A 145 20.17 9.07 5.54
N ALA A 146 19.63 8.42 6.57
CA ALA A 146 18.26 7.93 6.56
C ALA A 146 17.20 9.02 6.46
N THR A 147 17.46 10.16 7.09
CA THR A 147 16.51 11.26 7.09
C THR A 147 16.18 11.75 5.69
N LYS A 148 17.21 12.00 4.88
CA LYS A 148 17.00 12.50 3.52
C LYS A 148 16.33 11.45 2.61
N LEU A 149 16.68 10.18 2.80
CA LEU A 149 16.10 9.09 2.01
C LEU A 149 14.60 9.02 2.34
N PHE A 150 14.28 9.05 3.63
CA PHE A 150 12.90 8.99 4.10
C PHE A 150 12.09 10.15 3.53
N THR A 151 12.68 11.35 3.59
CA THR A 151 12.02 12.54 3.08
C THR A 151 11.79 12.47 1.57
N ALA A 152 12.82 12.10 0.84
CA ALA A 152 12.72 12.00 -0.62
C ALA A 152 11.66 10.98 -1.03
N ILE A 153 11.72 9.79 -0.41
CA ILE A 153 10.79 8.73 -0.75
C ILE A 153 9.32 8.99 -0.38
N THR A 154 9.09 9.55 0.80
CA THR A 154 7.71 9.84 1.20
C THR A 154 7.07 10.91 0.32
N PHE A 155 7.80 12.00 0.04
CA PHE A 155 7.22 13.04 -0.80
C PHE A 155 7.09 12.61 -2.25
N ASP A 156 7.96 11.68 -2.65
CA ASP A 156 7.92 11.15 -4.00
C ASP A 156 6.63 10.32 -4.17
N ILE A 157 6.32 9.51 -3.16
CA ILE A 157 5.11 8.70 -3.19
C ILE A 157 3.88 9.61 -3.15
N ALA A 158 3.95 10.66 -2.33
CA ALA A 158 2.84 11.62 -2.24
C ALA A 158 2.62 12.26 -3.62
N MET A 159 3.72 12.55 -4.31
CA MET A 159 3.66 13.13 -5.64
C MET A 159 2.90 12.24 -6.64
N CYS A 160 3.25 10.96 -6.65
CA CYS A 160 2.60 10.02 -7.57
C CYS A 160 1.14 9.74 -7.20
N VAL A 161 0.85 9.66 -5.91
CA VAL A 161 -0.52 9.38 -5.48
C VAL A 161 -1.46 10.55 -5.74
N THR A 162 -0.99 11.77 -5.50
CA THR A 162 -1.84 12.94 -5.75
C THR A 162 -1.96 13.10 -7.26
N GLY A 163 -0.97 12.61 -8.00
CA GLY A 163 -1.02 12.68 -9.45
C GLY A 163 -2.11 11.74 -9.95
N LEU A 164 -2.17 10.55 -9.35
CA LEU A 164 -3.17 9.56 -9.71
C LEU A 164 -4.57 10.11 -9.40
N ALA A 165 -4.67 10.76 -8.24
CA ALA A 165 -5.94 11.36 -7.81
C ALA A 165 -6.38 12.40 -8.85
N ALA A 166 -5.43 13.19 -9.34
CA ALA A 166 -5.73 14.21 -10.34
C ALA A 166 -6.33 13.59 -11.59
N ALA A 167 -5.72 12.51 -12.06
CA ALA A 167 -6.19 11.82 -13.26
C ALA A 167 -7.54 11.14 -13.06
N LEU A 168 -7.79 10.70 -11.83
CA LEU A 168 -9.04 10.01 -11.49
C LEU A 168 -10.20 10.95 -11.15
N THR A 169 -9.91 12.24 -11.00
CA THR A 169 -10.94 13.20 -10.65
C THR A 169 -11.75 13.66 -11.86
N THR A 170 -13.07 13.44 -11.79
CA THR A 170 -13.96 13.80 -12.90
C THR A 170 -15.05 14.80 -12.48
N SER A 171 -15.11 15.10 -11.19
CA SER A 171 -16.14 15.99 -10.66
C SER A 171 -15.96 17.47 -10.98
N SER A 172 -14.72 17.92 -11.03
CA SER A 172 -14.42 19.32 -11.25
C SER A 172 -13.09 19.52 -11.97
N HIS A 173 -13.10 20.42 -12.96
CA HIS A 173 -11.90 20.73 -13.73
C HIS A 173 -10.86 21.38 -12.82
N LEU A 174 -11.31 22.32 -12.00
CA LEU A 174 -10.42 23.03 -11.08
C LEU A 174 -9.79 22.05 -10.08
N MET A 175 -10.57 21.11 -9.59
CA MET A 175 -10.05 20.12 -8.64
C MET A 175 -8.91 19.31 -9.25
N ARG A 176 -9.05 18.95 -10.52
CA ARG A 176 -8.01 18.19 -11.20
C ARG A 176 -6.68 18.94 -11.12
N TRP A 177 -6.72 20.24 -11.42
CA TRP A 177 -5.52 21.04 -11.39
C TRP A 177 -5.03 21.35 -9.98
N PHE A 178 -5.93 21.29 -8.99
CA PHE A 178 -5.52 21.53 -7.60
C PHE A 178 -4.69 20.31 -7.18
N TRP A 179 -5.11 19.12 -7.58
CA TRP A 179 -4.34 17.91 -7.26
C TRP A 179 -2.97 18.06 -7.90
N TYR A 180 -2.97 18.49 -9.16
CA TYR A 180 -1.75 18.68 -9.93
C TYR A 180 -0.78 19.61 -9.21
N ALA A 181 -1.32 20.66 -8.61
CA ALA A 181 -0.51 21.63 -7.88
C ALA A 181 0.08 21.02 -6.61
N ILE A 182 -0.71 20.23 -5.90
CA ILE A 182 -0.23 19.57 -4.69
C ILE A 182 0.91 18.61 -5.08
N SER A 183 0.71 17.90 -6.17
CA SER A 183 1.72 16.95 -6.65
C SER A 183 3.02 17.68 -6.99
N CYS A 184 2.90 18.83 -7.67
CA CYS A 184 4.07 19.62 -8.04
C CYS A 184 4.87 20.05 -6.80
N ALA A 185 4.16 20.44 -5.76
CA ALA A 185 4.81 20.87 -4.52
C ALA A 185 5.62 19.71 -3.92
N CYS A 186 5.06 18.50 -3.98
CA CYS A 186 5.77 17.34 -3.45
C CYS A 186 7.01 17.08 -4.30
N PHE A 187 6.86 17.29 -5.60
CA PHE A 187 7.95 17.10 -6.57
C PHE A 187 9.11 18.04 -6.22
N ILE A 188 8.78 19.26 -5.82
CA ILE A 188 9.80 20.25 -5.46
C ILE A 188 10.69 19.74 -4.33
N VAL A 189 10.10 19.05 -3.36
CA VAL A 189 10.88 18.52 -2.24
C VAL A 189 11.92 17.51 -2.76
N VAL A 190 11.47 16.62 -3.64
CA VAL A 190 12.35 15.62 -4.23
C VAL A 190 13.48 16.31 -5.02
N LEU A 191 13.10 17.29 -5.83
CA LEU A 191 14.09 18.02 -6.63
C LEU A 191 15.11 18.71 -5.73
N TYR A 192 14.65 19.28 -4.62
CA TYR A 192 15.57 19.96 -3.72
C TYR A 192 16.58 18.99 -3.12
N ILE A 193 16.10 17.81 -2.72
CA ILE A 193 16.98 16.81 -2.15
C ILE A 193 18.00 16.36 -3.19
N LEU A 194 17.56 16.14 -4.41
CA LEU A 194 18.46 15.70 -5.48
C LEU A 194 19.52 16.75 -5.82
N LEU A 195 19.06 17.96 -6.08
CA LEU A 195 19.92 19.07 -6.49
C LEU A 195 20.77 19.76 -5.44
N VAL A 196 20.29 19.82 -4.21
CA VAL A 196 21.01 20.49 -3.15
C VAL A 196 21.68 19.57 -2.13
N GLU A 197 20.89 18.70 -1.50
CA GLU A 197 21.40 17.81 -0.47
C GLU A 197 22.33 16.69 -0.94
N TRP A 198 21.81 15.80 -1.77
CA TRP A 198 22.63 14.68 -2.25
C TRP A 198 23.79 15.14 -3.12
N ALA A 199 23.60 16.26 -3.84
CA ALA A 199 24.67 16.78 -4.67
C ALA A 199 25.90 16.98 -3.77
N GLN A 200 25.67 17.46 -2.56
CA GLN A 200 26.75 17.68 -1.61
C GLN A 200 27.21 16.40 -0.93
N ASP A 201 26.26 15.53 -0.59
CA ASP A 201 26.61 14.27 0.07
C ASP A 201 27.51 13.37 -0.77
N ALA A 202 27.30 13.39 -2.08
CA ALA A 202 28.07 12.56 -3.00
C ALA A 202 29.57 12.89 -2.97
N LYS A 203 29.88 14.16 -2.73
CA LYS A 203 31.28 14.56 -2.67
C LYS A 203 31.97 13.84 -1.52
N ALA A 204 31.30 13.75 -0.38
CA ALA A 204 31.87 13.08 0.78
C ALA A 204 31.90 11.56 0.58
N ALA A 205 30.98 11.05 -0.22
CA ALA A 205 30.91 9.62 -0.49
C ALA A 205 31.91 9.16 -1.55
N GLY A 206 32.46 10.12 -2.29
CA GLY A 206 33.42 9.80 -3.34
C GLY A 206 32.76 9.39 -4.64
N THR A 207 31.49 9.75 -4.80
CA THR A 207 30.74 9.39 -5.99
C THR A 207 30.23 10.64 -6.70
N ALA A 208 30.91 11.77 -6.50
CA ALA A 208 30.52 13.04 -7.09
C ALA A 208 30.30 13.03 -8.60
N ASP A 209 31.26 12.52 -9.36
CA ASP A 209 31.14 12.50 -10.81
C ASP A 209 29.94 11.72 -11.33
N ILE A 210 29.78 10.48 -10.86
CA ILE A 210 28.66 9.66 -11.32
C ILE A 210 27.33 10.15 -10.79
N PHE A 211 27.27 10.58 -9.53
CA PHE A 211 26.00 11.05 -8.99
C PHE A 211 25.53 12.30 -9.71
N SER A 212 26.44 13.26 -9.92
CA SER A 212 26.04 14.48 -10.59
C SER A 212 25.44 14.18 -11.97
N THR A 213 26.06 13.26 -12.69
CA THR A 213 25.57 12.87 -14.01
C THR A 213 24.17 12.26 -13.93
N LEU A 214 24.01 11.28 -13.06
CA LEU A 214 22.72 10.60 -12.91
C LEU A 214 21.66 11.52 -12.30
N LYS A 215 22.10 12.45 -11.46
CA LYS A 215 21.22 13.42 -10.83
C LYS A 215 20.61 14.31 -11.92
N LEU A 216 21.47 14.79 -12.82
CA LEU A 216 21.04 15.65 -13.91
C LEU A 216 20.11 14.90 -14.87
N LEU A 217 20.51 13.70 -15.26
CA LEU A 217 19.68 12.91 -16.17
C LEU A 217 18.30 12.71 -15.54
N THR A 218 18.28 12.35 -14.26
CA THR A 218 17.02 12.13 -13.55
C THR A 218 16.16 13.40 -13.47
N VAL A 219 16.75 14.52 -13.08
CA VAL A 219 15.99 15.76 -12.98
C VAL A 219 15.42 16.17 -14.33
N VAL A 220 16.23 16.11 -15.37
CA VAL A 220 15.74 16.49 -16.70
C VAL A 220 14.59 15.61 -17.18
N MET A 221 14.71 14.29 -17.02
CA MET A 221 13.66 13.38 -17.48
C MET A 221 12.39 13.48 -16.63
N TRP A 222 12.54 13.55 -15.30
CA TRP A 222 11.38 13.64 -14.42
C TRP A 222 10.58 14.91 -14.68
N LEU A 223 11.26 15.99 -15.05
CA LEU A 223 10.56 17.25 -15.34
C LEU A 223 9.61 17.03 -16.52
N GLY A 224 9.95 16.08 -17.38
CA GLY A 224 9.12 15.80 -18.53
C GLY A 224 7.74 15.26 -18.23
N TYR A 225 7.60 14.54 -17.12
CA TYR A 225 6.30 13.96 -16.78
C TYR A 225 5.18 14.98 -16.53
N PRO A 226 5.41 15.99 -15.68
CA PRO A 226 4.32 16.96 -15.47
C PRO A 226 4.08 17.82 -16.71
N ILE A 227 5.06 17.89 -17.60
CA ILE A 227 4.87 18.68 -18.81
C ILE A 227 3.96 17.87 -19.73
N VAL A 228 4.23 16.57 -19.82
CA VAL A 228 3.41 15.68 -20.64
C VAL A 228 1.99 15.63 -20.06
N TRP A 229 1.88 15.58 -18.74
CA TRP A 229 0.56 15.54 -18.11
C TRP A 229 -0.24 16.78 -18.54
N ALA A 230 0.38 17.94 -18.44
CA ALA A 230 -0.28 19.19 -18.78
C ALA A 230 -0.66 19.30 -20.26
N LEU A 231 0.21 18.79 -21.14
CA LEU A 231 -0.04 18.84 -22.58
C LEU A 231 -0.89 17.68 -23.11
N GLY A 232 -0.89 16.56 -22.39
CA GLY A 232 -1.64 15.40 -22.82
C GLY A 232 -3.13 15.44 -22.53
N VAL A 233 -3.80 14.32 -22.78
CA VAL A 233 -5.24 14.21 -22.58
C VAL A 233 -5.70 14.48 -21.14
N GLU A 234 -4.80 14.32 -20.19
CA GLU A 234 -5.15 14.58 -18.78
C GLU A 234 -5.19 16.07 -18.52
N GLY A 235 -4.44 16.83 -19.32
CA GLY A 235 -4.38 18.27 -19.17
C GLY A 235 -5.14 19.01 -20.25
N VAL A 236 -4.41 19.79 -21.06
CA VAL A 236 -5.02 20.59 -22.12
C VAL A 236 -5.34 19.80 -23.39
N ALA A 237 -4.98 18.52 -23.39
CA ALA A 237 -5.26 17.62 -24.50
C ALA A 237 -4.75 18.01 -25.90
N VAL A 238 -3.55 18.58 -25.98
CA VAL A 238 -3.00 18.90 -27.29
C VAL A 238 -2.46 17.58 -27.85
N LEU A 239 -2.14 16.67 -26.94
CA LEU A 239 -1.64 15.34 -27.30
C LEU A 239 -2.75 14.31 -27.11
N PRO A 240 -3.20 13.65 -28.19
CA PRO A 240 -4.26 12.65 -28.03
C PRO A 240 -3.78 11.47 -27.16
N VAL A 241 -4.69 10.56 -26.82
CA VAL A 241 -4.37 9.42 -25.98
C VAL A 241 -3.13 8.63 -26.39
N GLY A 242 -3.04 8.30 -27.68
CA GLY A 242 -1.90 7.53 -28.17
C GLY A 242 -0.57 8.26 -28.10
N TYR A 243 -0.60 9.57 -28.32
CA TYR A 243 0.62 10.36 -28.30
C TYR A 243 1.03 10.64 -26.85
N THR A 244 0.04 10.81 -25.99
CA THR A 244 0.30 11.02 -24.57
C THR A 244 1.02 9.77 -24.05
N SER A 245 0.52 8.60 -24.45
CA SER A 245 1.11 7.33 -24.03
C SER A 245 2.57 7.17 -24.50
N TRP A 246 2.84 7.49 -25.76
CA TRP A 246 4.21 7.37 -26.26
C TRP A 246 5.15 8.37 -25.60
N ALA A 247 4.63 9.54 -25.26
CA ALA A 247 5.46 10.55 -24.60
C ALA A 247 5.94 9.97 -23.28
N TYR A 248 5.01 9.42 -22.50
CA TYR A 248 5.36 8.81 -21.22
C TYR A 248 6.27 7.59 -21.40
N SER A 249 5.98 6.75 -22.39
CA SER A 249 6.79 5.55 -22.62
C SER A 249 8.22 5.92 -23.00
N ALA A 250 8.39 7.00 -23.73
CA ALA A 250 9.73 7.45 -24.14
C ALA A 250 10.48 7.96 -22.91
N LEU A 251 9.78 8.73 -22.08
CA LEU A 251 10.40 9.25 -20.86
C LEU A 251 10.85 8.05 -20.02
N ASP A 252 9.97 7.05 -19.89
CA ASP A 252 10.28 5.84 -19.11
C ASP A 252 11.53 5.13 -19.61
N ILE A 253 11.67 5.00 -20.93
CA ILE A 253 12.82 4.31 -21.47
C ILE A 253 14.13 4.95 -21.00
N VAL A 254 14.17 6.27 -20.93
CA VAL A 254 15.37 6.96 -20.49
C VAL A 254 15.49 7.04 -18.97
N ALA A 255 14.43 7.50 -18.31
CA ALA A 255 14.43 7.66 -16.86
C ALA A 255 14.58 6.33 -16.09
N LYS A 256 14.17 5.23 -16.71
CA LYS A 256 14.28 3.92 -16.07
C LYS A 256 15.39 3.04 -16.61
N TYR A 257 15.21 2.52 -17.82
CA TYR A 257 16.16 1.59 -18.43
C TYR A 257 17.56 2.14 -18.70
N ILE A 258 17.64 3.27 -19.41
CA ILE A 258 18.96 3.84 -19.70
C ILE A 258 19.59 4.28 -18.38
N PHE A 259 18.83 4.98 -17.55
CA PHE A 259 19.31 5.43 -16.25
C PHE A 259 19.93 4.28 -15.46
N ALA A 260 19.15 3.20 -15.31
CA ALA A 260 19.59 2.03 -14.57
C ALA A 260 20.84 1.38 -15.16
N PHE A 261 20.89 1.32 -16.47
CA PHE A 261 22.02 0.73 -17.18
C PHE A 261 23.29 1.53 -16.86
N LEU A 262 23.16 2.86 -16.85
CA LEU A 262 24.29 3.73 -16.55
C LEU A 262 24.73 3.60 -15.08
N LEU A 263 23.76 3.52 -14.18
CA LEU A 263 24.09 3.39 -12.77
C LEU A 263 24.80 2.05 -12.52
N LEU A 264 24.26 0.97 -13.06
CA LEU A 264 24.86 -0.36 -12.87
C LEU A 264 26.23 -0.46 -13.54
N ASN A 265 26.43 0.26 -14.63
CA ASN A 265 27.70 0.26 -15.33
C ASN A 265 28.77 0.81 -14.37
N TYR A 266 28.43 1.89 -13.67
CA TYR A 266 29.37 2.47 -12.72
C TYR A 266 29.58 1.52 -11.54
N LEU A 267 28.47 1.06 -10.98
CA LEU A 267 28.50 0.16 -9.84
C LEU A 267 29.41 -1.06 -10.01
N THR A 268 29.28 -1.75 -11.12
CA THR A 268 30.07 -2.96 -11.37
C THR A 268 31.56 -2.72 -11.58
N SER A 269 31.96 -1.46 -11.74
CA SER A 269 33.37 -1.13 -11.93
C SER A 269 33.91 -0.38 -10.72
N ASN A 270 33.04 -0.12 -9.74
CA ASN A 270 33.43 0.63 -8.56
C ASN A 270 32.78 0.12 -7.28
N GLU A 271 32.69 -1.21 -7.15
CA GLU A 271 32.09 -1.82 -5.97
C GLU A 271 32.73 -1.34 -4.68
N GLY A 272 34.07 -1.25 -4.69
CA GLY A 272 34.78 -0.82 -3.50
C GLY A 272 34.40 0.57 -3.02
N VAL A 273 34.14 1.47 -3.95
CA VAL A 273 33.78 2.84 -3.59
C VAL A 273 32.49 2.94 -2.77
N VAL A 274 31.48 2.16 -3.14
CA VAL A 274 30.20 2.20 -2.45
C VAL A 274 30.04 1.17 -1.34
N SER A 275 31.07 0.35 -1.14
CA SER A 275 31.00 -0.69 -0.10
C SER A 275 30.99 -0.10 1.30
N GLY A 276 30.37 -0.82 2.23
CA GLY A 276 30.30 -0.36 3.60
C GLY A 276 29.07 -0.84 4.34
N SER A 277 28.85 -0.30 5.54
CA SER A 277 27.70 -0.68 6.35
C SER A 277 26.43 -0.18 5.67
N ILE A 278 25.43 -1.05 5.58
CA ILE A 278 24.16 -0.70 4.97
C ILE A 278 23.47 0.39 5.78
N GLU B 18 -24.01 4.07 -10.27
CA GLU B 18 -25.07 5.04 -10.66
C GLU B 18 -24.70 6.46 -10.25
N VAL B 19 -24.44 6.66 -8.96
CA VAL B 19 -24.08 7.98 -8.45
C VAL B 19 -22.68 8.39 -8.92
N THR B 20 -22.57 9.56 -9.55
CA THR B 20 -21.29 10.01 -10.05
C THR B 20 -20.48 10.82 -9.06
N GLN B 21 -19.19 10.95 -9.36
CA GLN B 21 -18.27 11.70 -8.52
C GLN B 21 -18.72 13.16 -8.41
N ARG B 22 -19.19 13.71 -9.54
CA ARG B 22 -19.65 15.08 -9.56
C ARG B 22 -20.86 15.26 -8.64
N GLU B 23 -21.74 14.28 -8.63
CA GLU B 23 -22.92 14.35 -7.78
C GLU B 23 -22.56 14.36 -6.30
N LEU B 24 -21.53 13.60 -5.93
CA LEU B 24 -21.09 13.56 -4.54
C LEU B 24 -20.37 14.86 -4.21
N PHE B 25 -19.59 15.35 -5.19
CA PHE B 25 -18.86 16.61 -5.05
C PHE B 25 -19.85 17.75 -4.79
N GLU B 26 -20.96 17.73 -5.50
CA GLU B 26 -21.98 18.77 -5.34
C GLU B 26 -22.74 18.59 -4.04
N PHE B 27 -22.92 17.35 -3.62
CA PHE B 27 -23.61 17.06 -2.37
C PHE B 27 -22.84 17.71 -1.22
N VAL B 28 -21.51 17.57 -1.25
CA VAL B 28 -20.67 18.17 -0.22
C VAL B 28 -20.79 19.68 -0.30
N LEU B 29 -20.62 20.22 -1.51
CA LEU B 29 -20.81 21.65 -1.69
C LEU B 29 -22.32 21.77 -1.44
N ASN B 30 -22.83 22.98 -1.39
CA ASN B 30 -24.27 23.15 -1.20
C ASN B 30 -24.80 22.60 0.13
N ASP B 31 -23.90 22.09 0.96
CA ASP B 31 -24.27 21.59 2.28
C ASP B 31 -23.30 22.27 3.24
N PRO B 32 -23.66 23.46 3.74
CA PRO B 32 -22.84 24.25 4.68
C PRO B 32 -22.09 23.45 5.74
N LEU B 33 -22.77 22.53 6.40
CA LEU B 33 -22.13 21.71 7.44
C LEU B 33 -21.02 20.82 6.87
N LEU B 34 -21.38 20.01 5.88
CA LEU B 34 -20.45 19.10 5.26
C LEU B 34 -19.29 19.83 4.57
N ALA B 35 -19.62 20.85 3.79
CA ALA B 35 -18.61 21.61 3.07
C ALA B 35 -17.63 22.29 4.02
N SER B 36 -18.13 22.86 5.11
CA SER B 36 -17.26 23.53 6.06
C SER B 36 -16.34 22.53 6.75
N SER B 37 -16.87 21.36 7.08
CA SER B 37 -16.06 20.35 7.77
C SER B 37 -14.93 19.81 6.90
N LEU B 38 -15.10 19.91 5.58
CA LEU B 38 -14.07 19.41 4.68
C LEU B 38 -13.12 20.50 4.20
N TYR B 39 -13.66 21.57 3.62
CA TYR B 39 -12.81 22.64 3.12
C TYR B 39 -12.02 23.40 4.19
N ILE B 40 -12.52 23.44 5.41
CA ILE B 40 -11.80 24.13 6.47
C ILE B 40 -10.52 23.35 6.81
N ASN B 41 -10.62 22.04 6.82
CA ASN B 41 -9.45 21.22 7.12
C ASN B 41 -8.45 21.27 5.98
N ILE B 42 -8.94 21.43 4.74
CA ILE B 42 -8.02 21.53 3.61
C ILE B 42 -7.21 22.82 3.83
N ALA B 43 -7.90 23.88 4.22
CA ALA B 43 -7.25 25.16 4.48
C ALA B 43 -6.31 25.09 5.68
N LEU B 44 -6.79 24.52 6.78
CA LEU B 44 -5.96 24.41 7.98
C LEU B 44 -4.74 23.52 7.73
N ALA B 45 -4.93 22.43 6.99
CA ALA B 45 -3.82 21.53 6.69
C ALA B 45 -2.78 22.27 5.87
N GLY B 46 -3.23 22.97 4.85
CA GLY B 46 -2.32 23.72 3.99
C GLY B 46 -1.54 24.77 4.76
N LEU B 47 -2.25 25.57 5.56
CA LEU B 47 -1.60 26.60 6.36
C LEU B 47 -0.64 25.96 7.34
N SER B 48 -1.02 24.82 7.91
CA SER B 48 -0.16 24.12 8.86
C SER B 48 1.17 23.70 8.22
N ILE B 49 1.11 23.17 7.00
CA ILE B 49 2.34 22.76 6.34
C ILE B 49 3.29 23.94 6.19
N LEU B 50 2.76 25.07 5.75
CA LEU B 50 3.57 26.27 5.57
C LEU B 50 4.16 26.70 6.91
N LEU B 51 3.32 26.76 7.94
CA LEU B 51 3.77 27.16 9.27
C LEU B 51 4.86 26.23 9.83
N PHE B 52 4.65 24.92 9.70
CA PHE B 52 5.61 23.96 10.23
C PHE B 52 6.95 24.01 9.48
N VAL B 53 6.91 24.14 8.17
CA VAL B 53 8.13 24.22 7.38
C VAL B 53 8.91 25.45 7.87
N PHE B 54 8.21 26.56 8.02
CA PHE B 54 8.82 27.80 8.50
C PHE B 54 9.42 27.58 9.88
N MET B 55 8.61 27.06 10.80
CA MET B 55 9.06 26.79 12.17
C MET B 55 10.32 25.94 12.28
N THR B 56 10.47 24.96 11.40
CA THR B 56 11.62 24.05 11.47
C THR B 56 12.79 24.38 10.56
N ARG B 57 12.75 25.53 9.90
CA ARG B 57 13.83 25.92 8.99
C ARG B 57 15.20 26.01 9.64
N GLY B 58 15.26 26.06 10.96
CA GLY B 58 16.54 26.17 11.64
C GLY B 58 17.15 24.87 12.12
N LEU B 59 16.41 23.77 12.01
CA LEU B 59 16.92 22.48 12.44
C LEU B 59 18.12 22.05 11.61
N ASP B 60 19.11 21.44 12.26
CA ASP B 60 20.30 20.96 11.58
C ASP B 60 20.56 19.49 11.88
N ASP B 61 20.14 19.03 13.06
CA ASP B 61 20.36 17.63 13.45
C ASP B 61 19.51 16.66 12.63
N PRO B 62 20.14 15.61 12.08
CA PRO B 62 19.42 14.61 11.28
C PRO B 62 18.30 13.88 12.02
N ARG B 63 18.52 13.53 13.29
CA ARG B 63 17.47 12.83 14.03
C ARG B 63 16.30 13.80 14.28
N ALA B 64 16.62 15.04 14.62
CA ALA B 64 15.59 16.05 14.85
C ALA B 64 14.83 16.28 13.55
N LYS B 65 15.55 16.30 12.43
CA LYS B 65 14.94 16.51 11.14
C LYS B 65 14.00 15.36 10.76
N LEU B 66 14.36 14.15 11.17
CA LEU B 66 13.53 12.98 10.88
C LEU B 66 12.19 13.13 11.61
N ILE B 67 12.26 13.56 12.87
CA ILE B 67 11.04 13.74 13.65
C ILE B 67 10.19 14.84 13.03
N ALA B 68 10.83 15.91 12.56
CA ALA B 68 10.13 17.03 11.95
C ALA B 68 9.43 16.65 10.64
N VAL B 69 10.11 15.89 9.79
CA VAL B 69 9.52 15.49 8.50
C VAL B 69 8.35 14.53 8.75
N SER B 70 8.53 13.60 9.67
CA SER B 70 7.47 12.64 9.97
C SER B 70 6.22 13.41 10.43
N THR B 71 6.43 14.44 11.23
CA THR B 71 5.33 15.26 11.75
C THR B 71 4.69 16.09 10.64
N ILE B 72 5.51 16.71 9.80
CA ILE B 72 5.01 17.53 8.69
C ILE B 72 4.19 16.70 7.72
N LEU B 73 4.53 15.41 7.57
CA LEU B 73 3.79 14.55 6.67
C LEU B 73 2.34 14.35 7.13
N VAL B 74 2.07 14.61 8.41
CA VAL B 74 0.72 14.45 8.90
C VAL B 74 -0.23 15.41 8.18
N PRO B 75 0.08 16.72 8.19
CA PRO B 75 -0.82 17.64 7.48
C PRO B 75 -0.74 17.47 5.95
N VAL B 76 0.36 16.90 5.46
CA VAL B 76 0.49 16.67 4.01
C VAL B 76 -0.52 15.59 3.63
N VAL B 77 -0.53 14.50 4.37
CA VAL B 77 -1.48 13.42 4.12
C VAL B 77 -2.90 13.94 4.31
N SER B 78 -3.09 14.78 5.32
CA SER B 78 -4.42 15.30 5.61
C SER B 78 -4.97 16.17 4.49
N ILE B 79 -4.18 17.10 3.96
CA ILE B 79 -4.68 17.95 2.89
C ILE B 79 -5.01 17.13 1.63
N ALA B 80 -4.21 16.11 1.35
CA ALA B 80 -4.46 15.28 0.17
C ALA B 80 -5.73 14.46 0.38
N SER B 81 -5.84 13.81 1.53
CA SER B 81 -7.01 12.99 1.83
C SER B 81 -8.31 13.78 1.93
N TYR B 82 -8.28 14.98 2.51
CA TYR B 82 -9.50 15.78 2.58
C TYR B 82 -9.90 16.24 1.18
N THR B 83 -8.92 16.42 0.30
CA THR B 83 -9.22 16.81 -1.07
C THR B 83 -9.85 15.60 -1.76
N GLY B 84 -9.45 14.40 -1.34
CA GLY B 84 -10.02 13.19 -1.90
C GLY B 84 -11.51 13.12 -1.55
N LEU B 85 -11.84 13.56 -0.34
CA LEU B 85 -13.22 13.57 0.11
C LEU B 85 -14.02 14.70 -0.56
N ALA B 86 -13.50 15.92 -0.47
CA ALA B 86 -14.18 17.09 -1.05
C ALA B 86 -14.47 16.94 -2.54
N SER B 87 -13.55 16.31 -3.26
CA SER B 87 -13.69 16.10 -4.69
C SER B 87 -14.70 15.01 -5.03
N GLY B 88 -15.04 14.19 -4.04
CA GLY B 88 -15.98 13.11 -4.25
C GLY B 88 -15.27 11.84 -4.65
N LEU B 89 -13.95 11.93 -4.88
CA LEU B 89 -13.16 10.77 -5.28
C LEU B 89 -13.23 9.62 -4.27
N THR B 90 -13.14 9.94 -2.98
CA THR B 90 -13.16 8.90 -1.96
C THR B 90 -14.45 8.81 -1.13
N ILE B 91 -15.57 9.07 -1.79
CA ILE B 91 -16.88 8.98 -1.15
C ILE B 91 -17.72 8.03 -2.01
N SER B 92 -18.56 7.24 -1.36
CA SER B 92 -19.43 6.29 -2.06
C SER B 92 -20.79 6.30 -1.37
N VAL B 93 -21.77 5.64 -2.00
CA VAL B 93 -23.10 5.54 -1.41
C VAL B 93 -23.34 4.06 -1.14
N LEU B 94 -23.54 3.72 0.12
CA LEU B 94 -23.75 2.34 0.52
C LEU B 94 -25.12 2.17 1.18
N GLU B 95 -25.73 1.01 0.95
CA GLU B 95 -27.02 0.71 1.56
C GLU B 95 -26.71 -0.17 2.77
N MET B 96 -27.12 0.28 3.95
CA MET B 96 -26.84 -0.49 5.15
C MET B 96 -27.64 -1.78 5.23
N PRO B 97 -27.09 -2.81 5.87
CA PRO B 97 -27.74 -4.11 6.02
C PRO B 97 -28.95 -4.07 6.94
N ALA B 98 -29.75 -5.13 6.88
CA ALA B 98 -30.93 -5.25 7.71
C ALA B 98 -30.50 -5.19 9.17
N GLY B 99 -31.21 -4.39 9.96
CA GLY B 99 -30.88 -4.27 11.38
C GLY B 99 -30.11 -3.01 11.70
N HIS B 100 -29.35 -2.52 10.72
CA HIS B 100 -28.57 -1.30 10.92
C HIS B 100 -29.54 -0.14 11.13
N PHE B 101 -29.22 0.75 12.06
CA PHE B 101 -30.10 1.88 12.36
C PHE B 101 -30.28 2.85 11.20
N ALA B 102 -29.41 2.75 10.20
CA ALA B 102 -29.49 3.63 9.02
C ALA B 102 -30.06 2.88 7.83
N GLU B 103 -30.60 1.69 8.06
CA GLU B 103 -31.18 0.92 6.97
C GLU B 103 -32.33 1.72 6.38
N GLY B 104 -32.57 1.55 5.09
CA GLY B 104 -33.66 2.26 4.43
C GLY B 104 -33.53 3.78 4.45
N SER B 105 -32.30 4.29 4.46
CA SER B 105 -32.10 5.74 4.44
C SER B 105 -32.03 6.23 3.01
N SER B 106 -32.25 7.54 2.82
CA SER B 106 -32.21 8.17 1.50
C SER B 106 -31.34 9.42 1.60
N VAL B 107 -30.88 9.93 0.47
CA VAL B 107 -30.01 11.11 0.49
C VAL B 107 -30.33 12.22 -0.50
N MET B 108 -30.76 11.86 -1.71
CA MET B 108 -31.04 12.82 -2.77
C MET B 108 -29.71 13.19 -3.40
N LEU B 109 -29.17 12.26 -4.18
CA LEU B 109 -27.92 12.49 -4.88
C LEU B 109 -28.31 13.15 -6.18
N GLY B 110 -27.76 14.34 -6.42
CA GLY B 110 -28.13 15.06 -7.61
C GLY B 110 -29.49 15.65 -7.27
N GLY B 111 -30.50 15.26 -8.03
CA GLY B 111 -31.85 15.75 -7.80
C GLY B 111 -32.83 14.60 -7.63
N GLU B 112 -32.30 13.39 -7.49
CA GLU B 112 -33.14 12.21 -7.31
C GLU B 112 -32.97 11.64 -5.90
N GLU B 113 -33.95 10.85 -5.47
CA GLU B 113 -33.91 10.24 -4.15
C GLU B 113 -33.15 8.91 -4.28
N VAL B 114 -31.99 8.82 -3.63
CA VAL B 114 -31.19 7.60 -3.70
C VAL B 114 -31.11 6.89 -2.36
N ASP B 115 -31.34 5.59 -2.38
CA ASP B 115 -31.29 4.77 -1.18
C ASP B 115 -29.85 4.61 -0.69
N GLY B 116 -29.69 4.60 0.64
CA GLY B 116 -28.37 4.44 1.20
C GLY B 116 -27.88 5.64 1.98
N VAL B 117 -26.60 5.59 2.32
CA VAL B 117 -25.98 6.66 3.09
C VAL B 117 -24.67 7.07 2.41
N VAL B 118 -24.40 8.38 2.39
CA VAL B 118 -23.16 8.87 1.80
C VAL B 118 -22.06 8.43 2.75
N THR B 119 -21.16 7.58 2.24
CA THR B 119 -20.08 7.04 3.03
C THR B 119 -18.72 7.63 2.67
N MET B 120 -18.18 8.44 3.58
CA MET B 120 -16.89 9.07 3.33
C MET B 120 -15.75 8.14 3.78
N TRP B 121 -15.62 7.03 3.07
CA TRP B 121 -14.59 6.04 3.40
C TRP B 121 -13.19 6.62 3.24
N GLY B 122 -13.09 7.76 2.56
CA GLY B 122 -11.80 8.40 2.36
C GLY B 122 -11.10 8.76 3.66
N ARG B 123 -11.87 8.95 4.73
CA ARG B 123 -11.30 9.28 6.03
C ARG B 123 -10.35 8.17 6.50
N TYR B 124 -10.69 6.92 6.20
CA TYR B 124 -9.84 5.82 6.61
C TYR B 124 -8.47 5.89 5.95
N LEU B 125 -8.41 6.52 4.77
CA LEU B 125 -7.14 6.67 4.06
C LEU B 125 -6.37 7.76 4.80
N THR B 126 -7.08 8.80 5.22
CA THR B 126 -6.47 9.86 5.97
C THR B 126 -5.81 9.24 7.20
N TRP B 127 -6.53 8.31 7.84
CA TRP B 127 -6.02 7.68 9.05
C TRP B 127 -4.89 6.68 8.85
N ALA B 128 -5.04 5.74 7.92
CA ALA B 128 -4.03 4.74 7.67
C ALA B 128 -2.65 5.29 7.29
N LEU B 129 -2.63 6.46 6.66
CA LEU B 129 -1.38 7.07 6.23
C LEU B 129 -0.85 8.12 7.19
N SER B 130 -1.74 8.76 7.93
CA SER B 130 -1.32 9.79 8.87
C SER B 130 -0.97 9.27 10.27
N THR B 131 -1.75 8.32 10.79
CA THR B 131 -1.47 7.81 12.13
C THR B 131 -0.09 7.16 12.30
N PRO B 132 0.43 6.50 11.25
CA PRO B 132 1.75 5.89 11.40
C PRO B 132 2.81 6.98 11.55
N MET B 133 2.57 8.12 10.91
CA MET B 133 3.52 9.23 10.97
C MET B 133 3.46 9.89 12.35
N ILE B 134 2.27 9.94 12.94
CA ILE B 134 2.11 10.50 14.28
C ILE B 134 2.86 9.61 15.27
N LEU B 135 2.69 8.30 15.11
CA LEU B 135 3.33 7.32 15.98
C LEU B 135 4.85 7.26 15.80
N LEU B 136 5.31 7.44 14.56
CA LEU B 136 6.75 7.42 14.29
C LEU B 136 7.39 8.63 14.97
N ALA B 137 6.73 9.78 14.85
CA ALA B 137 7.23 11.00 15.46
C ALA B 137 7.29 10.86 16.98
N LEU B 138 6.19 10.40 17.58
CA LEU B 138 6.11 10.23 19.04
C LEU B 138 7.08 9.16 19.55
N GLY B 139 7.17 8.04 18.83
CA GLY B 139 8.06 6.97 19.23
C GLY B 139 9.51 7.42 19.21
N LEU B 140 9.88 8.18 18.19
CA LEU B 140 11.24 8.69 18.09
C LEU B 140 11.49 9.68 19.22
N LEU B 141 10.50 10.53 19.50
CA LEU B 141 10.64 11.53 20.56
C LEU B 141 10.86 10.83 21.91
N ALA B 142 10.17 9.71 22.11
CA ALA B 142 10.27 8.96 23.35
C ALA B 142 11.51 8.07 23.41
N GLY B 143 12.27 8.03 22.33
CA GLY B 143 13.47 7.21 22.29
C GLY B 143 13.14 5.72 22.26
N SER B 144 12.08 5.37 21.53
CA SER B 144 11.65 3.99 21.43
C SER B 144 12.62 3.15 20.59
N ASN B 145 12.71 1.85 20.89
CA ASN B 145 13.58 1.00 20.09
C ASN B 145 12.76 0.63 18.85
N ALA B 146 13.37 -0.11 17.92
CA ALA B 146 12.67 -0.47 16.68
C ALA B 146 11.51 -1.44 16.87
N THR B 147 11.63 -2.34 17.85
CA THR B 147 10.58 -3.32 18.09
C THR B 147 9.24 -2.67 18.46
N LYS B 148 9.28 -1.71 19.38
CA LYS B 148 8.05 -1.05 19.80
C LYS B 148 7.46 -0.18 18.69
N LEU B 149 8.33 0.46 17.90
CA LEU B 149 7.85 1.30 16.80
C LEU B 149 7.13 0.40 15.79
N PHE B 150 7.77 -0.71 15.45
CA PHE B 150 7.21 -1.67 14.51
C PHE B 150 5.87 -2.20 15.00
N THR B 151 5.81 -2.56 16.28
CA THR B 151 4.57 -3.10 16.85
C THR B 151 3.44 -2.06 16.82
N ALA B 152 3.74 -0.84 17.26
CA ALA B 152 2.75 0.23 17.30
C ALA B 152 2.23 0.57 15.90
N ILE B 153 3.15 0.72 14.95
CA ILE B 153 2.77 1.06 13.59
C ILE B 153 2.00 -0.04 12.86
N THR B 154 2.44 -1.29 12.98
CA THR B 154 1.72 -2.37 12.31
C THR B 154 0.30 -2.54 12.85
N PHE B 155 0.14 -2.56 14.17
CA PHE B 155 -1.20 -2.71 14.72
C PHE B 155 -2.06 -1.47 14.48
N ASP B 156 -1.41 -0.32 14.32
CA ASP B 156 -2.13 0.92 14.05
C ASP B 156 -2.73 0.84 12.64
N ILE B 157 -1.92 0.36 11.70
CA ILE B 157 -2.37 0.23 10.32
C ILE B 157 -3.52 -0.79 10.27
N ALA B 158 -3.37 -1.88 11.02
CA ALA B 158 -4.39 -2.92 11.06
C ALA B 158 -5.70 -2.35 11.59
N MET B 159 -5.59 -1.47 12.59
CA MET B 159 -6.74 -0.82 13.18
C MET B 159 -7.48 -0.01 12.11
N CYS B 160 -6.72 0.79 11.36
CA CYS B 160 -7.31 1.62 10.31
C CYS B 160 -7.93 0.82 9.18
N VAL B 161 -7.26 -0.24 8.75
CA VAL B 161 -7.77 -1.05 7.66
C VAL B 161 -9.01 -1.85 8.05
N THR B 162 -9.04 -2.37 9.28
CA THR B 162 -10.20 -3.14 9.69
C THR B 162 -11.37 -2.20 9.94
N GLY B 163 -11.06 -0.94 10.25
CA GLY B 163 -12.10 0.05 10.47
C GLY B 163 -12.70 0.39 9.12
N LEU B 164 -11.84 0.46 8.10
CA LEU B 164 -12.31 0.74 6.74
C LEU B 164 -13.20 -0.42 6.30
N ALA B 165 -12.76 -1.64 6.60
CA ALA B 165 -13.51 -2.83 6.23
C ALA B 165 -14.89 -2.82 6.87
N ALA B 166 -14.95 -2.34 8.12
CA ALA B 166 -16.22 -2.27 8.84
C ALA B 166 -17.19 -1.35 8.10
N ALA B 167 -16.71 -0.17 7.75
CA ALA B 167 -17.52 0.82 7.03
C ALA B 167 -17.98 0.34 5.66
N LEU B 168 -17.13 -0.44 5.00
CA LEU B 168 -17.44 -0.95 3.66
C LEU B 168 -18.27 -2.23 3.65
N THR B 169 -18.52 -2.80 4.82
CA THR B 169 -19.29 -4.04 4.91
C THR B 169 -20.79 -3.76 4.93
N THR B 170 -21.50 -4.34 3.97
CA THR B 170 -22.95 -4.15 3.85
C THR B 170 -23.70 -5.48 3.84
N SER B 171 -22.95 -6.59 3.82
CA SER B 171 -23.56 -7.91 3.77
C SER B 171 -24.30 -8.28 5.05
N SER B 172 -23.79 -7.79 6.18
CA SER B 172 -24.37 -8.10 7.48
C SER B 172 -24.15 -6.99 8.50
N HIS B 173 -25.15 -6.75 9.34
CA HIS B 173 -25.06 -5.71 10.36
C HIS B 173 -24.03 -6.13 11.41
N LEU B 174 -24.14 -7.37 11.87
CA LEU B 174 -23.24 -7.89 12.88
C LEU B 174 -21.79 -7.96 12.40
N MET B 175 -21.60 -8.21 11.10
CA MET B 175 -20.26 -8.29 10.53
C MET B 175 -19.52 -6.98 10.72
N ARG B 176 -20.25 -5.88 10.56
CA ARG B 176 -19.68 -4.55 10.70
C ARG B 176 -19.11 -4.36 12.11
N TRP B 177 -19.84 -4.83 13.12
CA TRP B 177 -19.38 -4.69 14.49
C TRP B 177 -18.26 -5.67 14.84
N PHE B 178 -18.18 -6.76 14.09
CA PHE B 178 -17.11 -7.73 14.31
C PHE B 178 -15.81 -7.07 13.83
N TRP B 179 -15.89 -6.39 12.69
CA TRP B 179 -14.71 -5.68 12.16
C TRP B 179 -14.32 -4.61 13.18
N TYR B 180 -15.34 -3.95 13.72
CA TYR B 180 -15.15 -2.89 14.70
C TYR B 180 -14.42 -3.46 15.93
N ALA B 181 -14.80 -4.66 16.33
CA ALA B 181 -14.19 -5.30 17.49
C ALA B 181 -12.71 -5.61 17.22
N ILE B 182 -12.43 -6.16 16.03
CA ILE B 182 -11.05 -6.48 15.66
C ILE B 182 -10.21 -5.21 15.67
N SER B 183 -10.79 -4.12 15.16
CA SER B 183 -10.10 -2.83 15.11
C SER B 183 -9.80 -2.31 16.50
N CYS B 184 -10.77 -2.47 17.42
CA CYS B 184 -10.60 -2.04 18.80
C CYS B 184 -9.46 -2.81 19.46
N ALA B 185 -9.37 -4.11 19.16
CA ALA B 185 -8.33 -4.94 19.73
C ALA B 185 -6.96 -4.41 19.31
N CYS B 186 -6.84 -4.00 18.04
CA CYS B 186 -5.58 -3.47 17.52
C CYS B 186 -5.28 -2.13 18.19
N PHE B 187 -6.32 -1.34 18.44
CA PHE B 187 -6.19 -0.03 19.07
C PHE B 187 -5.62 -0.19 20.48
N ILE B 188 -6.08 -1.21 21.20
CA ILE B 188 -5.58 -1.46 22.55
C ILE B 188 -4.07 -1.67 22.56
N VAL B 189 -3.55 -2.38 21.55
CA VAL B 189 -2.11 -2.60 21.47
C VAL B 189 -1.38 -1.27 21.37
N VAL B 190 -1.89 -0.40 20.51
CA VAL B 190 -1.29 0.92 20.32
C VAL B 190 -1.37 1.73 21.61
N LEU B 191 -2.53 1.67 22.27
CA LEU B 191 -2.73 2.40 23.52
C LEU B 191 -1.79 1.89 24.61
N TYR B 192 -1.53 0.59 24.61
CA TYR B 192 -0.64 0.01 25.61
C TYR B 192 0.77 0.57 25.42
N ILE B 193 1.22 0.59 24.17
CA ILE B 193 2.56 1.12 23.87
C ILE B 193 2.66 2.60 24.24
N LEU B 194 1.61 3.36 23.93
CA LEU B 194 1.58 4.78 24.23
C LEU B 194 1.59 5.09 25.73
N LEU B 195 0.70 4.43 26.46
CA LEU B 195 0.53 4.65 27.90
C LEU B 195 1.54 3.99 28.84
N VAL B 196 1.97 2.78 28.51
CA VAL B 196 2.90 2.07 29.37
C VAL B 196 4.35 2.10 28.92
N GLU B 197 4.60 1.54 27.74
CA GLU B 197 5.96 1.47 27.22
C GLU B 197 6.69 2.76 26.87
N TRP B 198 6.11 3.57 25.98
CA TRP B 198 6.78 4.81 25.62
C TRP B 198 6.84 5.80 26.76
N ALA B 199 5.93 5.65 27.72
CA ALA B 199 5.90 6.51 28.90
C ALA B 199 7.22 6.30 29.63
N GLN B 200 7.65 5.04 29.72
CA GLN B 200 8.90 4.71 30.39
C GLN B 200 10.12 5.11 29.56
N ASP B 201 10.10 4.74 28.28
CA ASP B 201 11.19 5.07 27.37
C ASP B 201 11.51 6.56 27.38
N ALA B 202 10.47 7.40 27.40
CA ALA B 202 10.64 8.84 27.38
C ALA B 202 11.50 9.36 28.54
N LYS B 203 11.42 8.68 29.68
CA LYS B 203 12.20 9.10 30.84
C LYS B 203 13.70 8.98 30.53
N ALA B 204 14.10 7.81 30.03
CA ALA B 204 15.50 7.56 29.69
C ALA B 204 15.98 8.43 28.52
N ALA B 205 15.04 8.90 27.71
CA ALA B 205 15.38 9.73 26.56
C ALA B 205 15.41 11.21 26.93
N GLY B 206 14.98 11.52 28.15
CA GLY B 206 14.96 12.89 28.59
C GLY B 206 13.85 13.73 27.99
N THR B 207 12.75 13.09 27.61
CA THR B 207 11.62 13.78 27.00
C THR B 207 10.31 13.46 27.72
N ALA B 208 10.40 13.00 28.95
CA ALA B 208 9.22 12.64 29.73
C ALA B 208 8.12 13.70 29.82
N ASP B 209 8.49 14.94 30.11
CA ASP B 209 7.50 16.01 30.25
C ASP B 209 6.74 16.35 28.97
N ILE B 210 7.44 16.50 27.86
CA ILE B 210 6.76 16.80 26.61
C ILE B 210 5.95 15.60 26.17
N PHE B 211 6.50 14.39 26.35
CA PHE B 211 5.78 13.19 25.94
C PHE B 211 4.47 13.02 26.71
N SER B 212 4.49 13.31 28.00
CA SER B 212 3.29 13.19 28.82
C SER B 212 2.17 14.03 28.24
N THR B 213 2.52 15.24 27.79
CA THR B 213 1.54 16.14 27.20
C THR B 213 1.00 15.58 25.89
N LEU B 214 1.91 15.21 24.99
CA LEU B 214 1.51 14.68 23.69
C LEU B 214 0.80 13.33 23.81
N LYS B 215 1.21 12.53 24.79
CA LYS B 215 0.60 11.22 25.01
C LYS B 215 -0.84 11.39 25.44
N LEU B 216 -1.06 12.28 26.41
CA LEU B 216 -2.40 12.54 26.92
C LEU B 216 -3.31 13.01 25.80
N LEU B 217 -2.85 14.01 25.07
CA LEU B 217 -3.62 14.57 23.97
C LEU B 217 -3.98 13.49 22.94
N THR B 218 -2.99 12.67 22.57
CA THR B 218 -3.21 11.61 21.59
C THR B 218 -4.21 10.56 22.05
N VAL B 219 -4.04 10.05 23.26
CA VAL B 219 -4.94 9.04 23.79
C VAL B 219 -6.38 9.53 23.90
N VAL B 220 -6.56 10.73 24.46
CA VAL B 220 -7.89 11.30 24.59
C VAL B 220 -8.56 11.55 23.23
N MET B 221 -7.83 12.18 22.32
CA MET B 221 -8.38 12.46 21.00
C MET B 221 -8.63 11.19 20.19
N TRP B 222 -7.67 10.25 20.23
CA TRP B 222 -7.82 9.01 19.49
C TRP B 222 -9.00 8.18 20.00
N LEU B 223 -9.24 8.22 21.30
CA LEU B 223 -10.38 7.48 21.88
C LEU B 223 -11.68 8.01 21.29
N GLY B 224 -11.66 9.28 20.89
CA GLY B 224 -12.83 9.90 20.32
C GLY B 224 -13.31 9.32 18.99
N TYR B 225 -12.37 8.86 18.17
CA TYR B 225 -12.74 8.32 16.86
C TYR B 225 -13.67 7.11 16.91
N PRO B 226 -13.33 6.08 17.72
CA PRO B 226 -14.23 4.92 17.78
C PRO B 226 -15.57 5.25 18.44
N ILE B 227 -15.62 6.37 19.15
CA ILE B 227 -16.83 6.83 19.81
C ILE B 227 -17.72 7.49 18.74
N VAL B 228 -17.10 8.32 17.92
CA VAL B 228 -17.82 9.00 16.86
C VAL B 228 -18.30 7.98 15.84
N TRP B 229 -17.51 6.93 15.62
CA TRP B 229 -17.88 5.88 14.70
C TRP B 229 -19.19 5.26 15.16
N ALA B 230 -19.21 4.82 16.41
CA ALA B 230 -20.38 4.18 17.00
C ALA B 230 -21.63 5.07 17.03
N LEU B 231 -21.42 6.36 17.29
CA LEU B 231 -22.53 7.30 17.36
C LEU B 231 -22.98 7.85 16.00
N GLY B 232 -22.10 7.82 15.01
CA GLY B 232 -22.44 8.33 13.70
C GLY B 232 -23.15 7.36 12.78
N VAL B 233 -23.36 7.79 11.53
CA VAL B 233 -24.06 6.96 10.54
C VAL B 233 -23.46 5.58 10.34
N GLU B 234 -22.18 5.42 10.63
CA GLU B 234 -21.52 4.13 10.50
C GLU B 234 -21.98 3.19 11.60
N GLY B 235 -22.32 3.76 12.76
CA GLY B 235 -22.76 2.96 13.89
C GLY B 235 -24.26 3.02 14.12
N VAL B 236 -24.66 3.54 15.28
CA VAL B 236 -26.07 3.63 15.65
C VAL B 236 -26.79 4.78 14.95
N ALA B 237 -26.01 5.66 14.31
CA ALA B 237 -26.55 6.78 13.57
C ALA B 237 -27.33 7.85 14.35
N VAL B 238 -26.90 8.16 15.56
CA VAL B 238 -27.58 9.19 16.33
C VAL B 238 -27.10 10.55 15.80
N LEU B 239 -25.95 10.54 15.14
CA LEU B 239 -25.38 11.74 14.54
C LEU B 239 -25.54 11.67 13.04
N PRO B 240 -26.19 12.67 12.42
CA PRO B 240 -26.40 12.70 10.97
C PRO B 240 -25.06 12.69 10.23
N VAL B 241 -25.11 12.51 8.91
CA VAL B 241 -23.90 12.48 8.10
C VAL B 241 -23.05 13.74 8.26
N GLY B 242 -23.72 14.89 8.40
CA GLY B 242 -23.01 16.15 8.55
C GLY B 242 -22.36 16.35 9.90
N TYR B 243 -23.01 15.87 10.95
CA TYR B 243 -22.47 15.99 12.30
C TYR B 243 -21.37 14.96 12.52
N THR B 244 -21.49 13.80 11.87
CA THR B 244 -20.48 12.77 12.00
C THR B 244 -19.19 13.35 11.41
N SER B 245 -19.32 14.01 10.26
CA SER B 245 -18.17 14.60 9.59
C SER B 245 -17.48 15.66 10.43
N TRP B 246 -18.25 16.59 10.98
CA TRP B 246 -17.65 17.63 11.82
C TRP B 246 -17.01 17.08 13.08
N ALA B 247 -17.56 15.98 13.60
CA ALA B 247 -17.00 15.37 14.80
C ALA B 247 -15.57 14.90 14.48
N TYR B 248 -15.42 14.19 13.36
CA TYR B 248 -14.11 13.70 12.95
C TYR B 248 -13.18 14.87 12.62
N SER B 249 -13.72 15.86 11.91
CA SER B 249 -12.92 17.02 11.52
C SER B 249 -12.37 17.78 12.72
N ALA B 250 -13.16 17.87 13.79
CA ALA B 250 -12.73 18.55 15.00
C ALA B 250 -11.62 17.73 15.66
N LEU B 251 -11.80 16.42 15.69
CA LEU B 251 -10.79 15.55 16.27
C LEU B 251 -9.50 15.70 15.49
N ASP B 252 -9.61 15.70 14.16
CA ASP B 252 -8.42 15.85 13.31
C ASP B 252 -7.67 17.14 13.60
N ILE B 253 -8.39 18.24 13.77
CA ILE B 253 -7.76 19.51 14.05
C ILE B 253 -6.87 19.42 15.28
N VAL B 254 -7.33 18.68 16.29
CA VAL B 254 -6.57 18.52 17.52
C VAL B 254 -5.51 17.43 17.43
N ALA B 255 -5.93 16.22 17.10
CA ALA B 255 -5.01 15.09 16.99
C ALA B 255 -3.90 15.29 15.96
N LYS B 256 -4.13 16.16 14.98
CA LYS B 256 -3.13 16.39 13.94
C LYS B 256 -2.41 17.73 14.00
N TYR B 257 -3.15 18.80 13.72
CA TYR B 257 -2.57 20.14 13.68
C TYR B 257 -2.05 20.69 15.01
N ILE B 258 -2.89 20.72 16.04
CA ILE B 258 -2.37 21.25 17.30
C ILE B 258 -1.31 20.30 17.85
N PHE B 259 -1.54 19.00 17.73
CA PHE B 259 -0.56 18.01 18.20
C PHE B 259 0.77 18.26 17.50
N ALA B 260 0.73 18.40 16.18
CA ALA B 260 1.95 18.64 15.41
C ALA B 260 2.63 19.95 15.81
N PHE B 261 1.84 21.00 15.98
CA PHE B 261 2.40 22.29 16.39
C PHE B 261 3.14 22.18 17.71
N LEU B 262 2.50 21.56 18.69
CA LEU B 262 3.08 21.39 20.01
C LEU B 262 4.38 20.58 19.96
N LEU B 263 4.36 19.50 19.16
CA LEU B 263 5.54 18.66 19.04
C LEU B 263 6.67 19.42 18.35
N LEU B 264 6.35 20.13 17.28
CA LEU B 264 7.36 20.90 16.55
C LEU B 264 7.88 22.06 17.38
N ASN B 265 7.02 22.68 18.19
CA ASN B 265 7.44 23.79 19.02
C ASN B 265 8.45 23.28 20.04
N TYR B 266 8.21 22.09 20.58
CA TYR B 266 9.13 21.50 21.54
C TYR B 266 10.42 21.11 20.83
N LEU B 267 10.26 20.43 19.70
CA LEU B 267 11.39 19.98 18.91
C LEU B 267 12.42 21.06 18.61
N THR B 268 11.94 22.20 18.14
CA THR B 268 12.82 23.31 17.80
C THR B 268 13.46 23.96 19.02
N SER B 269 12.87 23.76 20.19
CA SER B 269 13.42 24.33 21.42
C SER B 269 14.32 23.31 22.12
N ASN B 270 14.26 22.06 21.67
CA ASN B 270 15.06 20.99 22.28
C ASN B 270 15.79 20.13 21.26
N GLU B 271 16.25 20.76 20.19
CA GLU B 271 16.95 20.03 19.14
C GLU B 271 18.10 19.20 19.68
N GLY B 272 18.85 19.77 20.62
CA GLY B 272 19.98 19.06 21.20
C GLY B 272 19.62 17.80 21.95
N VAL B 273 18.52 17.84 22.69
CA VAL B 273 18.09 16.67 23.47
C VAL B 273 17.66 15.49 22.61
N VAL B 274 16.95 15.77 21.51
CA VAL B 274 16.48 14.69 20.65
C VAL B 274 17.59 14.23 19.71
N SER B 275 18.64 15.02 19.59
CA SER B 275 19.76 14.67 18.72
C SER B 275 20.54 13.51 19.33
N GLY B 276 20.72 13.55 20.64
CA GLY B 276 21.43 12.49 21.34
C GLY B 276 22.84 12.89 21.76
N SER B 277 23.67 13.24 20.79
CA SER B 277 25.05 13.64 21.06
C SER B 277 25.60 14.49 19.92
N GLU C 18 -25.69 -6.95 -11.42
CA GLU C 18 -24.88 -6.34 -10.32
C GLU C 18 -25.02 -7.16 -9.03
N VAL C 19 -24.05 -8.04 -8.80
CA VAL C 19 -24.06 -8.88 -7.61
C VAL C 19 -23.74 -8.06 -6.37
N THR C 20 -24.51 -8.25 -5.31
CA THR C 20 -24.30 -7.51 -4.08
C THR C 20 -23.38 -8.26 -3.13
N GLN C 21 -22.85 -7.54 -2.15
CA GLN C 21 -21.97 -8.12 -1.16
C GLN C 21 -22.74 -9.16 -0.35
N ARG C 22 -24.00 -8.85 -0.05
CA ARG C 22 -24.85 -9.76 0.71
C ARG C 22 -25.07 -11.06 -0.03
N GLU C 23 -25.25 -10.99 -1.35
CA GLU C 23 -25.46 -12.19 -2.15
C GLU C 23 -24.24 -13.11 -2.13
N LEU C 24 -23.05 -12.51 -2.07
CA LEU C 24 -21.83 -13.31 -2.04
C LEU C 24 -21.64 -13.89 -0.64
N PHE C 25 -22.03 -13.11 0.37
CA PHE C 25 -21.94 -13.52 1.76
C PHE C 25 -22.85 -14.72 1.97
N GLU C 26 -24.04 -14.67 1.37
CA GLU C 26 -25.00 -15.76 1.50
C GLU C 26 -24.57 -16.95 0.65
N PHE C 27 -23.87 -16.67 -0.45
CA PHE C 27 -23.39 -17.74 -1.32
C PHE C 27 -22.38 -18.58 -0.55
N VAL C 28 -21.47 -17.92 0.17
CA VAL C 28 -20.46 -18.63 0.96
C VAL C 28 -21.22 -19.56 1.90
N LEU C 29 -22.27 -19.03 2.53
CA LEU C 29 -23.09 -19.83 3.42
C LEU C 29 -23.88 -20.72 2.46
N ASN C 30 -24.47 -21.81 2.96
CA ASN C 30 -25.22 -22.70 2.09
C ASN C 30 -24.30 -23.50 1.17
N ASP C 31 -23.00 -23.21 1.26
CA ASP C 31 -22.00 -23.92 0.48
C ASP C 31 -20.99 -24.47 1.49
N PRO C 32 -21.26 -25.66 2.02
CA PRO C 32 -20.45 -26.38 3.02
C PRO C 32 -18.94 -26.24 2.91
N LEU C 33 -18.38 -26.65 1.77
CA LEU C 33 -16.94 -26.58 1.55
C LEU C 33 -16.40 -25.16 1.69
N LEU C 34 -17.07 -24.22 1.04
CA LEU C 34 -16.64 -22.83 1.06
C LEU C 34 -16.70 -22.24 2.47
N ALA C 35 -17.89 -22.27 3.07
CA ALA C 35 -18.09 -21.74 4.41
C ALA C 35 -17.13 -22.34 5.45
N SER C 36 -16.91 -23.65 5.40
CA SER C 36 -16.04 -24.27 6.37
C SER C 36 -14.57 -23.89 6.18
N SER C 37 -14.11 -23.86 4.93
CA SER C 37 -12.71 -23.50 4.67
C SER C 37 -12.38 -22.09 5.17
N LEU C 38 -13.38 -21.22 5.15
CA LEU C 38 -13.21 -19.83 5.58
C LEU C 38 -13.36 -19.61 7.08
N TYR C 39 -14.51 -19.98 7.63
CA TYR C 39 -14.75 -19.77 9.06
C TYR C 39 -13.83 -20.59 9.97
N ILE C 40 -13.40 -21.77 9.52
CA ILE C 40 -12.50 -22.58 10.34
C ILE C 40 -11.16 -21.85 10.49
N ASN C 41 -10.74 -21.13 9.46
CA ASN C 41 -9.47 -20.41 9.54
C ASN C 41 -9.60 -19.14 10.37
N ILE C 42 -10.79 -18.55 10.40
CA ILE C 42 -11.00 -17.35 11.20
C ILE C 42 -10.84 -17.79 12.66
N ALA C 43 -11.42 -18.95 12.98
CA ALA C 43 -11.36 -19.51 14.33
C ALA C 43 -9.95 -19.93 14.72
N LEU C 44 -9.26 -20.65 13.83
CA LEU C 44 -7.90 -21.08 14.10
C LEU C 44 -6.95 -19.89 14.22
N ALA C 45 -7.20 -18.84 13.44
CA ALA C 45 -6.36 -17.64 13.50
C ALA C 45 -6.50 -17.00 14.87
N GLY C 46 -7.75 -16.86 15.32
CA GLY C 46 -8.01 -16.26 16.62
C GLY C 46 -7.39 -17.06 17.75
N LEU C 47 -7.59 -18.37 17.71
CA LEU C 47 -7.04 -19.26 18.74
C LEU C 47 -5.52 -19.22 18.72
N SER C 48 -4.94 -19.11 17.53
CA SER C 48 -3.49 -19.05 17.37
C SER C 48 -2.94 -17.81 18.06
N ILE C 49 -3.59 -16.68 17.82
CA ILE C 49 -3.16 -15.41 18.42
C ILE C 49 -3.13 -15.52 19.93
N LEU C 50 -4.23 -15.99 20.52
CA LEU C 50 -4.31 -16.13 21.97
C LEU C 50 -3.20 -17.03 22.50
N LEU C 51 -2.98 -18.15 21.83
CA LEU C 51 -1.94 -19.10 22.23
C LEU C 51 -0.56 -18.47 22.14
N PHE C 52 -0.27 -17.85 21.01
CA PHE C 52 1.04 -17.23 20.79
C PHE C 52 1.34 -16.11 21.78
N VAL C 53 0.32 -15.32 22.12
CA VAL C 53 0.52 -14.23 23.08
C VAL C 53 0.88 -14.84 24.43
N PHE C 54 0.19 -15.93 24.79
CA PHE C 54 0.46 -16.61 26.06
C PHE C 54 1.88 -17.17 26.07
N MET C 55 2.23 -17.87 25.00
CA MET C 55 3.56 -18.48 24.85
C MET C 55 4.73 -17.50 24.94
N THR C 56 4.52 -16.28 24.46
CA THR C 56 5.59 -15.28 24.43
C THR C 56 5.58 -14.19 25.50
N ARG C 57 4.80 -14.36 26.56
CA ARG C 57 4.75 -13.33 27.60
C ARG C 57 6.04 -13.22 28.41
N GLY C 58 6.90 -14.23 28.31
CA GLY C 58 8.15 -14.21 29.05
C GLY C 58 9.31 -13.51 28.36
N LEU C 59 9.18 -13.28 27.06
CA LEU C 59 10.23 -12.62 26.28
C LEU C 59 10.54 -11.20 26.77
N ASP C 60 11.83 -10.87 26.83
CA ASP C 60 12.26 -9.54 27.26
C ASP C 60 13.20 -8.90 26.24
N ASP C 61 13.97 -9.73 25.54
CA ASP C 61 14.91 -9.23 24.54
C ASP C 61 14.18 -8.54 23.39
N PRO C 62 14.59 -7.31 23.04
CA PRO C 62 13.94 -6.60 21.94
C PRO C 62 13.96 -7.32 20.60
N ARG C 63 15.08 -7.97 20.29
CA ARG C 63 15.17 -8.68 19.01
C ARG C 63 14.30 -9.94 19.02
N ALA C 64 14.26 -10.62 20.16
CA ALA C 64 13.43 -11.82 20.29
C ALA C 64 11.97 -11.39 20.18
N LYS C 65 11.65 -10.22 20.73
CA LYS C 65 10.29 -9.71 20.69
C LYS C 65 9.89 -9.24 19.29
N LEU C 66 10.87 -8.81 18.49
CA LEU C 66 10.59 -8.37 17.13
C LEU C 66 10.19 -9.59 16.31
N ILE C 67 10.91 -10.69 16.52
CA ILE C 67 10.62 -11.93 15.82
C ILE C 67 9.24 -12.43 16.26
N ALA C 68 8.93 -12.29 17.54
CA ALA C 68 7.64 -12.72 18.07
C ALA C 68 6.47 -11.92 17.49
N VAL C 69 6.61 -10.60 17.46
CA VAL C 69 5.53 -9.75 16.94
C VAL C 69 5.32 -9.97 15.44
N SER C 70 6.41 -10.12 14.71
CA SER C 70 6.32 -10.34 13.28
C SER C 70 5.57 -11.64 13.06
N THR C 71 5.86 -12.64 13.88
CA THR C 71 5.21 -13.94 13.77
C THR C 71 3.72 -13.88 14.14
N ILE C 72 3.40 -13.17 15.21
CA ILE C 72 2.00 -13.06 15.64
C ILE C 72 1.18 -12.25 14.64
N LEU C 73 1.84 -11.40 13.87
CA LEU C 73 1.13 -10.61 12.87
C LEU C 73 0.58 -11.49 11.75
N VAL C 74 1.16 -12.68 11.59
CA VAL C 74 0.70 -13.59 10.54
C VAL C 74 -0.77 -13.99 10.78
N PRO C 75 -1.10 -14.51 11.98
CA PRO C 75 -2.51 -14.87 12.19
C PRO C 75 -3.41 -13.65 12.33
N VAL C 76 -2.83 -12.49 12.66
CA VAL C 76 -3.62 -11.27 12.78
C VAL C 76 -4.09 -10.88 11.37
N VAL C 77 -3.16 -10.89 10.41
CA VAL C 77 -3.50 -10.58 9.03
C VAL C 77 -4.47 -11.61 8.49
N SER C 78 -4.27 -12.86 8.88
CA SER C 78 -5.12 -13.95 8.43
C SER C 78 -6.55 -13.85 8.93
N ILE C 79 -6.74 -13.50 10.19
CA ILE C 79 -8.11 -13.40 10.70
C ILE C 79 -8.85 -12.23 10.04
N ALA C 80 -8.16 -11.13 9.83
CA ALA C 80 -8.78 -9.97 9.21
C ALA C 80 -9.08 -10.24 7.74
N SER C 81 -8.13 -10.84 7.03
CA SER C 81 -8.31 -11.10 5.61
C SER C 81 -9.36 -12.19 5.32
N TYR C 82 -9.41 -13.22 6.16
CA TYR C 82 -10.40 -14.28 5.98
C TYR C 82 -11.79 -13.73 6.26
N THR C 83 -11.88 -12.75 7.17
CA THR C 83 -13.16 -12.13 7.47
C THR C 83 -13.55 -11.28 6.25
N GLY C 84 -12.56 -10.81 5.52
CA GLY C 84 -12.83 -10.03 4.32
C GLY C 84 -13.53 -10.90 3.31
N LEU C 85 -13.10 -12.16 3.23
CA LEU C 85 -13.68 -13.13 2.32
C LEU C 85 -15.07 -13.57 2.81
N ALA C 86 -15.13 -14.02 4.06
CA ALA C 86 -16.38 -14.49 4.64
C ALA C 86 -17.51 -13.46 4.54
N SER C 87 -17.17 -12.19 4.70
CA SER C 87 -18.17 -11.12 4.62
C SER C 87 -18.59 -10.80 3.19
N GLY C 88 -17.82 -11.28 2.22
CA GLY C 88 -18.13 -11.01 0.82
C GLY C 88 -17.45 -9.75 0.33
N LEU C 89 -16.86 -8.99 1.26
CA LEU C 89 -16.17 -7.76 0.91
C LEU C 89 -15.07 -7.94 -0.13
N THR C 90 -14.26 -8.98 0.01
CA THR C 90 -13.17 -9.21 -0.93
C THR C 90 -13.39 -10.36 -1.90
N ILE C 91 -14.64 -10.53 -2.31
CA ILE C 91 -15.02 -11.56 -3.28
C ILE C 91 -15.71 -10.83 -4.44
N SER C 92 -15.46 -11.28 -5.66
CA SER C 92 -16.09 -10.70 -6.83
C SER C 92 -16.45 -11.82 -7.80
N VAL C 93 -17.35 -11.53 -8.74
CA VAL C 93 -17.74 -12.52 -9.74
C VAL C 93 -17.09 -12.06 -11.04
N LEU C 94 -16.21 -12.88 -11.60
CA LEU C 94 -15.52 -12.53 -12.83
C LEU C 94 -15.81 -13.53 -13.94
N GLU C 95 -15.86 -13.04 -15.16
CA GLU C 95 -16.10 -13.89 -16.33
C GLU C 95 -14.75 -14.18 -16.98
N MET C 96 -14.40 -15.46 -17.07
CA MET C 96 -13.13 -15.85 -17.67
C MET C 96 -13.13 -15.64 -19.18
N PRO C 97 -11.95 -15.39 -19.76
CA PRO C 97 -11.79 -15.16 -21.20
C PRO C 97 -11.90 -16.43 -22.03
N ALA C 98 -12.10 -16.26 -23.34
CA ALA C 98 -12.21 -17.38 -24.25
C ALA C 98 -11.03 -18.33 -24.08
N GLY C 99 -11.33 -19.63 -24.06
CA GLY C 99 -10.28 -20.62 -23.90
C GLY C 99 -10.03 -21.07 -22.47
N HIS C 100 -10.35 -20.22 -21.51
CA HIS C 100 -10.15 -20.55 -20.10
C HIS C 100 -11.11 -21.67 -19.71
N PHE C 101 -10.61 -22.66 -18.99
CA PHE C 101 -11.45 -23.79 -18.60
C PHE C 101 -12.68 -23.43 -17.78
N ALA C 102 -12.64 -22.29 -17.09
CA ALA C 102 -13.77 -21.86 -16.28
C ALA C 102 -14.69 -20.92 -17.06
N GLU C 103 -14.31 -20.59 -18.28
CA GLU C 103 -15.13 -19.72 -19.11
C GLU C 103 -16.42 -20.50 -19.39
N GLY C 104 -17.54 -19.79 -19.39
CA GLY C 104 -18.81 -20.46 -19.63
C GLY C 104 -19.49 -20.95 -18.36
N SER C 105 -18.83 -20.76 -17.23
CA SER C 105 -19.40 -21.20 -15.96
C SER C 105 -20.45 -20.20 -15.48
N SER C 106 -21.33 -20.68 -14.61
CA SER C 106 -22.39 -19.85 -14.05
C SER C 106 -22.55 -20.16 -12.58
N VAL C 107 -23.11 -19.20 -11.84
CA VAL C 107 -23.32 -19.37 -10.41
C VAL C 107 -24.67 -18.78 -10.02
N MET C 108 -25.33 -19.41 -9.05
CA MET C 108 -26.63 -18.93 -8.60
C MET C 108 -26.42 -17.92 -7.47
N LEU C 109 -26.74 -16.66 -7.75
CA LEU C 109 -26.60 -15.58 -6.78
C LEU C 109 -27.91 -14.82 -6.69
N GLY C 110 -28.42 -14.67 -5.47
CA GLY C 110 -29.68 -13.99 -5.28
C GLY C 110 -30.78 -14.83 -5.90
N GLY C 111 -31.62 -14.21 -6.71
CA GLY C 111 -32.70 -14.94 -7.36
C GLY C 111 -32.50 -15.01 -8.86
N GLU C 112 -31.29 -15.36 -9.28
CA GLU C 112 -30.96 -15.44 -10.70
C GLU C 112 -29.63 -16.12 -10.98
N GLU C 113 -29.47 -16.61 -12.20
CA GLU C 113 -28.23 -17.26 -12.62
C GLU C 113 -27.30 -16.17 -13.13
N VAL C 114 -26.05 -16.18 -12.67
CA VAL C 114 -25.09 -15.17 -13.09
C VAL C 114 -23.85 -15.80 -13.69
N ASP C 115 -23.46 -15.30 -14.86
CA ASP C 115 -22.30 -15.80 -15.57
C ASP C 115 -21.01 -15.46 -14.82
N GLY C 116 -20.06 -16.38 -14.83
CA GLY C 116 -18.80 -16.10 -14.17
C GLY C 116 -18.42 -17.06 -13.06
N VAL C 117 -17.32 -16.72 -12.38
CA VAL C 117 -16.79 -17.53 -11.29
C VAL C 117 -16.69 -16.69 -10.01
N VAL C 118 -17.08 -17.27 -8.89
CA VAL C 118 -16.97 -16.58 -7.61
C VAL C 118 -15.47 -16.55 -7.36
N THR C 119 -14.89 -15.35 -7.45
CA THR C 119 -13.46 -15.16 -7.30
C THR C 119 -13.05 -14.57 -5.96
N MET C 120 -12.34 -15.39 -5.18
CA MET C 120 -11.86 -15.02 -3.85
C MET C 120 -10.56 -14.24 -3.93
N TRP C 121 -10.56 -13.10 -4.61
CA TRP C 121 -9.33 -12.33 -4.76
C TRP C 121 -8.79 -11.87 -3.40
N GLY C 122 -9.66 -11.86 -2.40
CA GLY C 122 -9.24 -11.46 -1.07
C GLY C 122 -8.08 -12.29 -0.52
N ARG C 123 -7.92 -13.50 -1.03
CA ARG C 123 -6.81 -14.33 -0.57
C ARG C 123 -5.46 -13.68 -0.89
N TYR C 124 -5.38 -12.95 -2.00
CA TYR C 124 -4.12 -12.28 -2.34
C TYR C 124 -3.73 -11.21 -1.34
N LEU C 125 -4.72 -10.66 -0.63
CA LEU C 125 -4.45 -9.66 0.39
C LEU C 125 -3.90 -10.41 1.59
N THR C 126 -4.43 -11.59 1.84
CA THR C 126 -3.95 -12.39 2.95
C THR C 126 -2.47 -12.67 2.70
N TRP C 127 -2.14 -13.03 1.47
CA TRP C 127 -0.76 -13.36 1.11
C TRP C 127 0.20 -12.16 1.10
N ALA C 128 -0.20 -11.07 0.46
CA ALA C 128 0.65 -9.89 0.36
C ALA C 128 1.02 -9.26 1.70
N LEU C 129 0.13 -9.40 2.69
CA LEU C 129 0.36 -8.83 3.99
C LEU C 129 0.98 -9.80 4.98
N SER C 130 0.72 -11.09 4.82
CA SER C 130 1.25 -12.10 5.73
C SER C 130 2.61 -12.67 5.34
N THR C 131 2.82 -12.91 4.04
CA THR C 131 4.09 -13.48 3.61
C THR C 131 5.31 -12.62 3.97
N PRO C 132 5.17 -11.28 3.96
CA PRO C 132 6.32 -10.43 4.31
C PRO C 132 6.69 -10.60 5.79
N MET C 133 5.69 -10.90 6.62
CA MET C 133 5.91 -11.09 8.05
C MET C 133 6.58 -12.44 8.31
N ILE C 134 6.20 -13.44 7.52
CA ILE C 134 6.80 -14.76 7.63
C ILE C 134 8.28 -14.63 7.26
N LEU C 135 8.53 -13.93 6.17
CA LEU C 135 9.90 -13.73 5.69
C LEU C 135 10.74 -12.89 6.67
N LEU C 136 10.13 -11.86 7.24
CA LEU C 136 10.84 -11.03 8.20
C LEU C 136 11.23 -11.88 9.42
N ALA C 137 10.30 -12.69 9.89
CA ALA C 137 10.56 -13.56 11.03
C ALA C 137 11.69 -14.55 10.70
N LEU C 138 11.62 -15.15 9.51
CA LEU C 138 12.65 -16.11 9.12
C LEU C 138 14.01 -15.46 8.95
N GLY C 139 14.05 -14.32 8.28
CA GLY C 139 15.31 -13.61 8.07
C GLY C 139 15.96 -13.18 9.36
N LEU C 140 15.15 -12.66 10.28
CA LEU C 140 15.68 -12.24 11.58
C LEU C 140 16.24 -13.47 12.29
N LEU C 141 15.50 -14.56 12.24
CA LEU C 141 15.92 -15.81 12.88
C LEU C 141 17.27 -16.29 12.31
N ALA C 142 17.42 -16.14 11.00
CA ALA C 142 18.65 -16.57 10.32
C ALA C 142 19.78 -15.56 10.44
N GLY C 143 19.52 -14.40 11.05
CA GLY C 143 20.55 -13.40 11.17
C GLY C 143 20.89 -12.78 9.83
N SER C 144 19.86 -12.59 9.01
CA SER C 144 20.03 -12.00 7.67
C SER C 144 20.42 -10.53 7.75
N ASN C 145 21.18 -10.04 6.76
CA ASN C 145 21.51 -8.63 6.75
C ASN C 145 20.32 -7.91 6.12
N ALA C 146 20.36 -6.57 6.09
CA ALA C 146 19.25 -5.80 5.54
C ALA C 146 19.04 -5.98 4.03
N THR C 147 20.12 -6.16 3.28
CA THR C 147 20.02 -6.33 1.84
C THR C 147 19.20 -7.56 1.45
N LYS C 148 19.46 -8.68 2.11
CA LYS C 148 18.72 -9.91 1.81
C LYS C 148 17.26 -9.82 2.26
N LEU C 149 17.01 -9.19 3.40
CA LEU C 149 15.63 -9.04 3.87
C LEU C 149 14.86 -8.18 2.87
N PHE C 150 15.50 -7.09 2.45
CA PHE C 150 14.88 -6.17 1.49
C PHE C 150 14.56 -6.89 0.17
N THR C 151 15.51 -7.69 -0.30
CA THR C 151 15.33 -8.43 -1.55
C THR C 151 14.20 -9.46 -1.45
N ALA C 152 14.21 -10.23 -0.37
CA ALA C 152 13.20 -11.25 -0.16
C ALA C 152 11.79 -10.68 -0.06
N ILE C 153 11.64 -9.62 0.73
CA ILE C 153 10.34 -8.99 0.93
C ILE C 153 9.80 -8.25 -0.30
N THR C 154 10.65 -7.52 -1.01
CA THR C 154 10.20 -6.80 -2.19
C THR C 154 9.76 -7.79 -3.28
N PHE C 155 10.55 -8.83 -3.51
CA PHE C 155 10.19 -9.79 -4.53
C PHE C 155 9.00 -10.64 -4.11
N ASP C 156 8.84 -10.84 -2.79
CA ASP C 156 7.71 -11.61 -2.30
C ASP C 156 6.42 -10.81 -2.56
N ILE C 157 6.46 -9.50 -2.31
CA ILE C 157 5.29 -8.67 -2.53
C ILE C 157 4.95 -8.63 -4.02
N ALA C 158 5.98 -8.55 -4.85
CA ALA C 158 5.80 -8.52 -6.30
C ALA C 158 5.12 -9.81 -6.75
N MET C 159 5.53 -10.92 -6.14
CA MET C 159 4.96 -12.23 -6.45
C MET C 159 3.47 -12.23 -6.11
N CYS C 160 3.13 -11.71 -4.95
CA CYS C 160 1.72 -11.67 -4.52
C CYS C 160 0.86 -10.76 -5.36
N VAL C 161 1.39 -9.58 -5.70
CA VAL C 161 0.62 -8.63 -6.48
C VAL C 161 0.44 -9.06 -7.93
N THR C 162 1.46 -9.67 -8.53
CA THR C 162 1.31 -10.12 -9.90
C THR C 162 0.38 -11.33 -9.93
N GLY C 163 0.32 -12.05 -8.82
CA GLY C 163 -0.57 -13.19 -8.71
C GLY C 163 -2.01 -12.69 -8.69
N LEU C 164 -2.25 -11.63 -7.93
CA LEU C 164 -3.57 -11.02 -7.86
C LEU C 164 -3.96 -10.50 -9.25
N ALA C 165 -3.00 -9.89 -9.93
CA ALA C 165 -3.25 -9.35 -11.27
C ALA C 165 -3.66 -10.47 -12.22
N ALA C 166 -3.02 -11.61 -12.09
CA ALA C 166 -3.33 -12.76 -12.93
C ALA C 166 -4.79 -13.18 -12.69
N ALA C 167 -5.17 -13.27 -11.43
CA ALA C 167 -6.54 -13.68 -11.07
C ALA C 167 -7.60 -12.67 -11.51
N LEU C 168 -7.23 -11.39 -11.52
CA LEU C 168 -8.14 -10.31 -11.90
C LEU C 168 -8.21 -10.05 -13.41
N THR C 169 -7.33 -10.67 -14.18
CA THR C 169 -7.31 -10.48 -15.63
C THR C 169 -8.35 -11.34 -16.34
N THR C 170 -9.27 -10.69 -17.03
CA THR C 170 -10.34 -11.38 -17.75
C THR C 170 -10.32 -11.10 -19.26
N SER C 171 -9.42 -10.23 -19.70
CA SER C 171 -9.34 -9.87 -21.11
C SER C 171 -8.72 -10.93 -22.02
N SER C 172 -7.78 -11.70 -21.48
CA SER C 172 -7.06 -12.69 -22.27
C SER C 172 -6.56 -13.86 -21.45
N HIS C 173 -6.78 -15.07 -21.97
CA HIS C 173 -6.34 -16.28 -21.29
C HIS C 173 -4.81 -16.28 -21.18
N LEU C 174 -4.13 -16.01 -22.30
CA LEU C 174 -2.68 -15.98 -22.33
C LEU C 174 -2.11 -14.98 -21.33
N MET C 175 -2.72 -13.79 -21.24
CA MET C 175 -2.27 -12.76 -20.31
C MET C 175 -2.30 -13.27 -18.88
N ARG C 176 -3.34 -14.03 -18.53
CA ARG C 176 -3.44 -14.58 -17.17
C ARG C 176 -2.20 -15.41 -16.86
N TRP C 177 -1.79 -16.26 -17.80
CA TRP C 177 -0.62 -17.10 -17.58
C TRP C 177 0.70 -16.35 -17.68
N PHE C 178 0.70 -15.22 -18.38
CA PHE C 178 1.91 -14.42 -18.46
C PHE C 178 2.14 -13.82 -17.08
N TRP C 179 1.07 -13.36 -16.45
CA TRP C 179 1.15 -12.79 -15.10
C TRP C 179 1.68 -13.88 -14.16
N TYR C 180 1.14 -15.09 -14.33
CA TYR C 180 1.53 -16.25 -13.52
C TYR C 180 3.03 -16.50 -13.64
N ALA C 181 3.55 -16.40 -14.86
CA ALA C 181 4.98 -16.61 -15.12
C ALA C 181 5.83 -15.55 -14.41
N ILE C 182 5.38 -14.30 -14.46
CA ILE C 182 6.11 -13.22 -13.81
C ILE C 182 6.15 -13.48 -12.30
N SER C 183 5.00 -13.88 -11.74
CA SER C 183 4.91 -14.16 -10.31
C SER C 183 5.87 -15.30 -9.93
N CYS C 184 5.92 -16.35 -10.76
CA CYS C 184 6.82 -17.47 -10.48
C CYS C 184 8.27 -17.01 -10.45
N ALA C 185 8.61 -16.10 -11.37
CA ALA C 185 9.98 -15.59 -11.45
C ALA C 185 10.35 -14.89 -10.14
N CYS C 186 9.41 -14.14 -9.59
CA CYS C 186 9.64 -13.45 -8.31
C CYS C 186 9.78 -14.49 -7.21
N PHE C 187 8.94 -15.53 -7.27
CA PHE C 187 8.95 -16.61 -6.28
C PHE C 187 10.31 -17.29 -6.23
N ILE C 188 10.92 -17.47 -7.39
CA ILE C 188 12.23 -18.10 -7.46
C ILE C 188 13.27 -17.32 -6.66
N VAL C 189 13.16 -15.99 -6.68
CA VAL C 189 14.09 -15.15 -5.94
C VAL C 189 13.95 -15.44 -4.45
N VAL C 190 12.72 -15.48 -3.97
CA VAL C 190 12.46 -15.75 -2.57
C VAL C 190 12.98 -17.15 -2.19
N LEU C 191 12.73 -18.13 -3.05
CA LEU C 191 13.18 -19.50 -2.81
C LEU C 191 14.69 -19.58 -2.70
N TYR C 192 15.38 -18.85 -3.58
CA TYR C 192 16.84 -18.86 -3.58
C TYR C 192 17.38 -18.33 -2.25
N ILE C 193 16.80 -17.24 -1.77
CA ILE C 193 17.23 -16.66 -0.50
C ILE C 193 16.99 -17.63 0.64
N LEU C 194 15.83 -18.28 0.65
CA LEU C 194 15.49 -19.23 1.70
C LEU C 194 16.41 -20.45 1.73
N LEU C 195 16.57 -21.07 0.57
CA LEU C 195 17.36 -22.28 0.41
C LEU C 195 18.87 -22.13 0.40
N VAL C 196 19.35 -21.03 -0.16
CA VAL C 196 20.78 -20.80 -0.28
C VAL C 196 21.39 -19.79 0.67
N GLU C 197 20.87 -18.56 0.66
CA GLU C 197 21.43 -17.51 1.50
C GLU C 197 21.13 -17.58 2.99
N TRP C 198 19.85 -17.60 3.37
CA TRP C 198 19.53 -17.65 4.78
C TRP C 198 19.94 -18.97 5.42
N ALA C 199 19.93 -20.05 4.64
CA ALA C 199 20.34 -21.36 5.15
C ALA C 199 21.78 -21.27 5.65
N GLN C 200 22.58 -20.48 4.95
CA GLN C 200 23.99 -20.29 5.32
C GLN C 200 24.12 -19.28 6.46
N ASP C 201 23.34 -18.20 6.40
CA ASP C 201 23.37 -17.16 7.45
C ASP C 201 22.96 -17.73 8.81
N ALA C 202 22.02 -18.66 8.83
CA ALA C 202 21.55 -19.25 10.08
C ALA C 202 22.68 -19.95 10.84
N LYS C 203 23.69 -20.42 10.11
CA LYS C 203 24.82 -21.08 10.75
C LYS C 203 25.58 -20.10 11.64
N ALA C 204 25.77 -18.88 11.16
CA ALA C 204 26.47 -17.86 11.93
C ALA C 204 25.59 -17.34 13.06
N ALA C 205 24.28 -17.45 12.90
CA ALA C 205 23.35 -16.99 13.93
C ALA C 205 23.16 -18.06 14.99
N GLY C 206 23.67 -19.27 14.74
CA GLY C 206 23.52 -20.35 15.69
C GLY C 206 22.10 -20.88 15.73
N THR C 207 21.37 -20.71 14.63
CA THR C 207 19.99 -21.15 14.52
C THR C 207 19.81 -22.08 13.33
N ALA C 208 20.89 -22.75 12.94
CA ALA C 208 20.86 -23.66 11.80
C ALA C 208 19.81 -24.76 11.85
N ASP C 209 19.67 -25.42 13.00
CA ASP C 209 18.71 -26.51 13.11
C ASP C 209 17.25 -26.09 12.99
N ILE C 210 16.84 -25.10 13.77
CA ILE C 210 15.45 -24.64 13.72
C ILE C 210 15.13 -23.99 12.38
N PHE C 211 16.09 -23.24 11.83
CA PHE C 211 15.84 -22.59 10.55
C PHE C 211 15.63 -23.68 9.49
N SER C 212 16.42 -24.74 9.56
CA SER C 212 16.30 -25.83 8.61
C SER C 212 14.87 -26.40 8.60
N THR C 213 14.31 -26.61 9.78
CA THR C 213 12.96 -27.14 9.92
C THR C 213 11.90 -26.19 9.33
N LEU C 214 11.97 -24.92 9.72
CA LEU C 214 11.02 -23.93 9.24
C LEU C 214 11.18 -23.66 7.75
N LYS C 215 12.41 -23.76 7.27
CA LYS C 215 12.73 -23.56 5.86
C LYS C 215 12.12 -24.66 5.01
N LEU C 216 12.26 -25.90 5.45
CA LEU C 216 11.70 -27.02 4.71
C LEU C 216 10.18 -26.89 4.67
N LEU C 217 9.60 -26.59 5.83
CA LEU C 217 8.14 -26.44 5.94
C LEU C 217 7.66 -25.34 5.00
N THR C 218 8.30 -24.18 5.09
CA THR C 218 7.93 -23.04 4.25
C THR C 218 8.08 -23.30 2.76
N VAL C 219 9.22 -23.84 2.34
CA VAL C 219 9.44 -24.10 0.92
C VAL C 219 8.43 -25.09 0.35
N VAL C 220 8.21 -26.21 1.07
CA VAL C 220 7.25 -27.21 0.60
C VAL C 220 5.82 -26.67 0.54
N MET C 221 5.39 -25.98 1.59
CA MET C 221 4.04 -25.43 1.61
C MET C 221 3.85 -24.31 0.59
N TRP C 222 4.80 -23.39 0.50
CA TRP C 222 4.68 -22.29 -0.45
C TRP C 222 4.62 -22.79 -1.89
N LEU C 223 5.35 -23.85 -2.19
CA LEU C 223 5.34 -24.41 -3.54
C LEU C 223 3.93 -24.90 -3.86
N GLY C 224 3.17 -25.20 -2.81
CA GLY C 224 1.81 -25.69 -3.01
C GLY C 224 0.84 -24.68 -3.59
N TYR C 225 1.04 -23.39 -3.30
CA TYR C 225 0.14 -22.36 -3.78
C TYR C 225 0.06 -22.22 -5.30
N PRO C 226 1.20 -22.13 -6.00
CA PRO C 226 1.10 -22.00 -7.46
C PRO C 226 0.54 -23.28 -8.10
N ILE C 227 0.65 -24.40 -7.41
CA ILE C 227 0.14 -25.66 -7.94
C ILE C 227 -1.39 -25.64 -7.83
N VAL C 228 -1.90 -25.21 -6.69
CA VAL C 228 -3.34 -25.12 -6.47
C VAL C 228 -3.92 -24.09 -7.43
N TRP C 229 -3.15 -23.04 -7.69
CA TRP C 229 -3.59 -22.00 -8.61
C TRP C 229 -3.80 -22.62 -9.99
N ALA C 230 -2.80 -23.36 -10.46
CA ALA C 230 -2.86 -24.00 -11.77
C ALA C 230 -3.98 -25.03 -11.91
N LEU C 231 -4.28 -25.74 -10.84
CA LEU C 231 -5.31 -26.77 -10.85
C LEU C 231 -6.72 -26.30 -10.50
N GLY C 232 -6.79 -25.22 -9.72
CA GLY C 232 -8.08 -24.67 -9.32
C GLY C 232 -8.79 -23.85 -10.37
N VAL C 233 -9.88 -23.22 -9.99
CA VAL C 233 -10.68 -22.40 -10.90
C VAL C 233 -9.91 -21.27 -11.57
N GLU C 234 -8.85 -20.78 -10.92
CA GLU C 234 -8.03 -19.72 -11.49
C GLU C 234 -7.24 -20.28 -12.67
N GLY C 235 -6.91 -21.56 -12.59
CA GLY C 235 -6.14 -22.20 -13.64
C GLY C 235 -6.96 -23.04 -14.59
N VAL C 236 -6.67 -24.35 -14.65
CA VAL C 236 -7.39 -25.25 -15.56
C VAL C 236 -8.68 -25.82 -14.98
N ALA C 237 -9.02 -25.37 -13.77
CA ALA C 237 -10.27 -25.75 -13.10
C ALA C 237 -10.60 -27.22 -12.85
N VAL C 238 -9.61 -28.05 -12.57
CA VAL C 238 -9.93 -29.45 -12.27
C VAL C 238 -10.52 -29.42 -10.85
N LEU C 239 -10.09 -28.44 -10.07
CA LEU C 239 -10.59 -28.25 -8.71
C LEU C 239 -11.63 -27.16 -8.77
N PRO C 240 -12.86 -27.46 -8.30
CA PRO C 240 -13.96 -26.48 -8.30
C PRO C 240 -13.69 -25.38 -7.28
N VAL C 241 -14.48 -24.30 -7.33
CA VAL C 241 -14.30 -23.19 -6.40
C VAL C 241 -14.19 -23.64 -4.94
N GLY C 242 -15.00 -24.61 -4.55
CA GLY C 242 -14.99 -25.10 -3.18
C GLY C 242 -13.73 -25.86 -2.80
N TYR C 243 -13.25 -26.73 -3.68
CA TYR C 243 -12.04 -27.49 -3.41
C TYR C 243 -10.81 -26.59 -3.49
N THR C 244 -10.87 -25.60 -4.37
CA THR C 244 -9.74 -24.67 -4.53
C THR C 244 -9.54 -23.94 -3.20
N SER C 245 -10.64 -23.47 -2.62
CA SER C 245 -10.62 -22.75 -1.36
C SER C 245 -10.07 -23.63 -0.24
N TRP C 246 -10.54 -24.86 -0.15
CA TRP C 246 -10.04 -25.75 0.90
C TRP C 246 -8.57 -26.11 0.71
N ALA C 247 -8.14 -26.17 -0.55
CA ALA C 247 -6.74 -26.49 -0.82
C ALA C 247 -5.88 -25.36 -0.26
N TYR C 248 -6.25 -24.11 -0.55
CA TYR C 248 -5.51 -22.96 -0.05
C TYR C 248 -5.59 -22.88 1.48
N SER C 249 -6.76 -23.16 2.04
CA SER C 249 -6.95 -23.10 3.48
C SER C 249 -6.10 -24.12 4.23
N ALA C 250 -5.91 -25.30 3.64
CA ALA C 250 -5.11 -26.34 4.27
C ALA C 250 -3.65 -25.89 4.30
N LEU C 251 -3.20 -25.33 3.17
CA LEU C 251 -1.83 -24.84 3.07
C LEU C 251 -1.58 -23.74 4.11
N ASP C 252 -2.55 -22.83 4.25
CA ASP C 252 -2.42 -21.73 5.22
C ASP C 252 -2.27 -22.26 6.65
N ILE C 253 -3.02 -23.29 6.99
CA ILE C 253 -2.93 -23.86 8.34
C ILE C 253 -1.51 -24.29 8.66
N VAL C 254 -0.83 -24.87 7.69
CA VAL C 254 0.54 -25.32 7.91
C VAL C 254 1.56 -24.19 7.75
N ALA C 255 1.47 -23.45 6.64
CA ALA C 255 2.41 -22.36 6.37
C ALA C 255 2.31 -21.20 7.35
N LYS C 256 1.16 -21.05 7.98
CA LYS C 256 0.96 -19.96 8.93
C LYS C 256 0.90 -20.38 10.40
N TYR C 257 -0.13 -21.14 10.75
CA TYR C 257 -0.33 -21.52 12.15
C TYR C 257 0.67 -22.50 12.75
N ILE C 258 0.94 -23.62 12.10
CA ILE C 258 1.90 -24.54 12.70
C ILE C 258 3.30 -23.95 12.55
N PHE C 259 3.57 -23.30 11.41
CA PHE C 259 4.87 -22.68 11.21
C PHE C 259 5.13 -21.72 12.38
N ALA C 260 4.14 -20.90 12.69
CA ALA C 260 4.25 -19.93 13.76
C ALA C 260 4.45 -20.59 15.13
N PHE C 261 3.75 -21.70 15.36
CA PHE C 261 3.89 -22.39 16.64
C PHE C 261 5.31 -22.94 16.79
N LEU C 262 5.81 -23.58 15.75
CA LEU C 262 7.15 -24.15 15.77
C LEU C 262 8.21 -23.08 16.00
N LEU C 263 8.05 -21.93 15.36
CA LEU C 263 9.02 -20.85 15.51
C LEU C 263 8.99 -20.27 16.92
N LEU C 264 7.78 -19.99 17.40
CA LEU C 264 7.60 -19.44 18.74
C LEU C 264 7.98 -20.43 19.84
N ASN C 265 7.73 -21.71 19.61
CA ASN C 265 8.07 -22.72 20.62
C ASN C 265 9.57 -22.73 20.81
N TYR C 266 10.30 -22.55 19.72
CA TYR C 266 11.76 -22.50 19.74
C TYR C 266 12.22 -21.23 20.44
N LEU C 267 11.67 -20.11 19.98
CA LEU C 267 12.01 -18.78 20.49
C LEU C 267 11.90 -18.64 22.00
N THR C 268 10.80 -19.14 22.57
CA THR C 268 10.55 -19.05 24.00
C THR C 268 11.50 -19.90 24.84
N SER C 269 12.21 -20.82 24.20
CA SER C 269 13.15 -21.68 24.92
C SER C 269 14.58 -21.35 24.53
N ASN C 270 14.74 -20.44 23.56
CA ASN C 270 16.07 -20.06 23.10
C ASN C 270 16.23 -18.57 22.89
N GLU C 271 15.65 -17.78 23.79
CA GLU C 271 15.73 -16.33 23.70
C GLU C 271 17.17 -15.83 23.65
N GLY C 272 18.04 -16.46 24.43
CA GLY C 272 19.43 -16.06 24.46
C GLY C 272 20.11 -16.15 23.10
N VAL C 273 19.84 -17.22 22.37
CA VAL C 273 20.43 -17.43 21.05
C VAL C 273 20.14 -16.32 20.04
N VAL C 274 18.89 -15.87 19.99
CA VAL C 274 18.49 -14.83 19.03
C VAL C 274 18.68 -13.39 19.51
N SER C 275 19.03 -13.22 20.78
CA SER C 275 19.21 -11.86 21.31
C SER C 275 20.36 -11.16 20.58
N GLY C 276 20.14 -9.90 20.23
CA GLY C 276 21.16 -9.14 19.53
C GLY C 276 20.73 -7.72 19.19
N SER C 277 21.45 -7.09 18.25
CA SER C 277 21.12 -5.73 17.85
C SER C 277 19.97 -5.71 16.83
C1 RET D . 2.57 14.06 -12.43
C2 RET D . 1.30 15.00 -12.43
C3 RET D . 1.19 16.02 -11.40
C4 RET D . 2.44 16.85 -11.19
C5 RET D . 3.75 16.04 -11.19
C6 RET D . 3.87 14.76 -11.76
C7 RET D . 5.27 14.08 -11.69
C8 RET D . 5.61 12.83 -12.10
C9 RET D . 6.93 12.23 -12.18
C10 RET D . 6.97 10.93 -12.60
C11 RET D . 8.13 10.12 -12.81
C12 RET D . 8.01 8.87 -13.29
C13 RET D . 9.09 7.91 -13.57
C14 RET D . 8.66 6.71 -13.99
C15 RET D . 9.39 5.48 -14.26
C16 RET D . 2.11 12.85 -11.60
C17 RET D . 2.74 13.62 -13.90
C18 RET D . 4.87 16.82 -10.50
C19 RET D . 8.18 13.03 -11.86
C20 RET D . 10.55 8.27 -13.32
C1 22B E . 12.27 20.67 6.85
C2 22B E . 13.10 20.56 5.53
C3 22B E . 12.21 20.32 4.27
C4 22B E . 11.08 21.27 3.78
C5 22B E . 9.75 20.69 3.22
C6 22B E . 8.77 21.54 2.78
C7 22B E . 7.50 21.09 2.25
C8 22B E . 6.60 22.00 1.83
C9 22B E . 5.25 21.61 1.27
C10 22B E . 4.90 20.20 1.19
C11 22B E . 3.81 19.55 0.36
C12 22B E . 2.95 20.18 -0.46
C13 22B E . 1.47 19.93 -0.44
C14 22B E . 0.66 20.61 -1.30
C15 22B E . 0.10 21.96 -1.03
C16 22B E . 11.42 19.31 7.09
C17 22B E . 13.22 20.90 8.09
C18 22B E . 9.54 19.13 3.16
C19 22B E . 4.26 22.79 0.82
C20 22B E . 0.83 18.88 0.53
C21 22B E . 14.11 19.36 5.59
C22 22B E . 14.97 19.30 4.19
C23 22B E . 16.03 18.10 4.11
C24 22B E . 16.03 17.20 5.38
C25 22B E . 15.70 17.23 2.88
O26 22B E . 11.36 21.77 6.77
O27 22B E . 17.45 18.68 3.94
C38 22B E . -2.86 27.80 -4.53
C39 22B E . -2.29 26.42 -5.05
C40 22B E . -1.77 25.46 -4.17
C41 22B E . -1.73 25.66 -2.68
C42 22B E . -1.21 24.69 -1.88
C43 22B E . -1.14 24.85 -0.36
C44 22B E . -0.61 23.86 0.52
C45 22B E . -0.03 22.50 0.19
C50 22B E . -1.67 26.17 0.32
C26 22B E . -2.30 26.14 -6.53
C11 L3P F . -16.69 5.34 -15.36
C12 L3P F . -15.55 4.90 -14.31
C13 L3P F . -15.95 4.69 -12.77
C14 L3P F . -16.60 6.04 -12.18
C15 L3P F . -14.60 4.23 -11.91
C16 L3P F . -13.97 2.87 -12.49
C17 L3P F . -12.42 2.59 -12.32
C18 L3P F . -11.40 3.65 -11.56
C19 L3P F . -10.79 4.80 -12.50
C20 L3P F . -10.21 2.81 -10.93
C21 L3P F . -9.31 3.37 -9.75
C22 L3P F . -8.52 2.19 -9.03
C23 L3P F . -7.59 2.67 -7.82
C24 L3P F . -6.55 3.68 -8.33
C25 L3P F . -6.81 1.38 -7.11
C26 L3P F . -6.68 1.08 -5.53
C27 L3P F . -5.85 -0.26 -5.09
C28 L3P F . -4.38 0.13 -4.57
C29 L3P F . -4.33 0.02 -3.09
C30 L3P F . -3.36 -0.79 -5.09
C11 L3P G . -7.17 -3.50 -10.12
C12 L3P G . -5.57 -3.64 -10.27
C13 L3P G . -4.62 -3.20 -9.04
C14 L3P G . -4.89 -1.67 -8.66
C15 L3P G . -3.02 -3.45 -9.47
C16 L3P G . -2.74 -4.98 -9.84
C17 L3P G . -1.34 -5.43 -10.40
C18 L3P G . -0.07 -4.38 -10.62
C19 L3P G . -0.08 -3.58 -12.03
C20 L3P G . 1.28 -5.22 -10.52
C21 L3P G . 2.70 -4.56 -10.30
C22 L3P G . 3.23 -4.83 -8.82
C23 L3P G . 4.67 -4.22 -8.52
C24 L3P G . 5.70 -4.81 -9.49
C25 L3P G . 5.15 -4.51 -6.96
C26 L3P G . 6.17 -3.63 -6.07
C27 L3P G . 6.48 -4.13 -4.56
C28 L3P G . 7.27 -3.00 -3.74
C29 L3P G . 6.93 -3.09 -2.30
C30 L3P G . 8.73 -3.17 -3.82
C1 BNG H . -12.97 25.99 -14.94
C2 BNG H . -14.08 24.95 -15.41
C3 BNG H . -15.43 25.71 -15.64
C4 BNG H . -15.86 26.36 -14.27
C5 BNG H . -14.76 27.38 -13.80
C6 BNG H . -15.15 28.01 -12.45
C1' BNG H . -10.59 26.15 -14.29
C2' BNG H . -9.29 25.67 -14.94
C3' BNG H . -8.11 26.53 -14.51
C4' BNG H . -6.96 25.69 -13.96
C5' BNG H . -5.66 26.47 -13.95
C6' BNG H . -4.48 25.55 -13.77
C7' BNG H . -3.16 26.30 -13.75
C8' BNG H . -1.99 25.35 -13.57
C9' BNG H . -1.14 25.76 -12.39
O1 BNG H . -11.68 25.31 -14.73
O2 BNG H . -13.65 24.34 -16.63
O3 BNG H . -16.43 24.78 -16.06
O4 BNG H . -17.11 27.04 -14.42
O5 BNG H . -13.46 26.65 -13.67
O6 BNG H . -15.04 27.08 -11.38
C1 BNG I . -11.50 27.29 -20.06
C2 BNG I . -12.77 26.45 -20.51
C3 BNG I . -14.02 27.38 -20.58
C4 BNG I . -14.27 27.98 -19.16
C5 BNG I . -13.01 28.83 -18.71
C6 BNG I . -13.22 29.41 -17.30
C1' BNG I . -9.08 27.05 -19.59
C2' BNG I . -8.26 26.04 -18.81
C3' BNG I . -6.93 26.64 -18.36
C4' BNG I . -5.97 25.57 -17.88
C5' BNG I . -4.53 26.07 -17.91
C6' BNG I . -3.56 24.94 -17.58
C7' BNG I . -2.12 25.43 -17.61
C8' BNG I . -1.17 24.27 -17.84
C9' BNG I . 0.02 24.35 -16.91
O1 BNG I . -10.33 26.43 -20.00
O2 BNG I . -12.50 25.86 -21.80
O3 BNG I . -15.16 26.62 -20.99
O4 BNG I . -15.42 28.83 -19.17
O5 BNG I . -11.82 27.92 -18.71
O6 BNG I . -12.18 30.31 -16.95
C1 BNG J . -5.52 -12.61 -29.20
C2 BNG J . -6.45 -13.90 -29.27
C3 BNG J . -7.58 -13.68 -30.33
C4 BNG J . -8.43 -12.43 -29.90
C5 BNG J . -7.49 -11.15 -29.82
C6 BNG J . -8.30 -9.91 -29.37
C1' BNG J . -3.52 -11.73 -28.01
C2' BNG J . -2.40 -12.21 -27.10
C3' BNG J . -1.38 -11.12 -26.86
C4' BNG J . -0.91 -11.09 -25.41
C5' BNG J . 0.60 -11.24 -25.30
C6' BNG J . 1.07 -11.07 -23.86
C7' BNG J . 2.57 -11.21 -23.74
C8' BNG J . 3.18 -9.94 -23.17
C9' BNG J . 4.42 -9.54 -23.96
O1 BNG J . -4.47 -12.82 -28.21
O2 BNG J . -5.65 -15.03 -29.62
O3 BNG J . -8.41 -14.83 -30.39
O4 BNG J . -9.48 -12.19 -30.84
O5 BNG J . -6.39 -11.42 -28.85
O6 BNG J . -8.77 -10.04 -28.04
C1 RET K . -12.26 3.17 14.03
C2 RET K . -13.44 2.12 13.98
C3 RET K . -13.27 0.84 14.64
C4 RET K . -12.66 0.92 16.03
C5 RET K . -11.54 1.95 16.21
C6 RET K . -11.30 3.02 15.32
C7 RET K . -10.10 3.95 15.65
C8 RET K . -9.62 5.03 14.98
C9 RET K . -8.57 5.96 15.37
C10 RET K . -8.30 6.95 14.47
C11 RET K . -7.36 8.05 14.59
C12 RET K . -7.25 8.92 13.59
C13 RET K . -6.37 10.10 13.53
C14 RET K . -6.41 10.79 12.37
C15 RET K . -5.62 11.94 11.91
C16 RET K . -11.52 2.91 12.71
C17 RET K . -12.95 4.55 13.92
C18 RET K . -10.73 1.64 17.47
C19 RET K . -7.85 5.85 16.70
C20 RET K . -5.46 10.47 14.69
C11 L3P L . -20.40 -0.72 -4.01
C12 L3P L . -18.88 -0.26 -3.73
C13 L3P L . -18.58 1.29 -3.40
C14 L3P L . -19.11 2.22 -4.59
C15 L3P L . -16.94 1.48 -3.15
C16 L3P L . -16.41 0.55 -1.95
C17 L3P L . -14.95 -0.06 -1.99
C18 L3P L . -13.89 0.21 -3.23
C19 L3P L . -14.16 -0.64 -4.56
C20 L3P L . -12.43 -0.12 -2.69
C21 L3P L . -11.51 0.95 -1.98
C22 L3P L . -10.08 0.33 -1.67
C23 L3P L . -9.05 1.31 -0.94
C24 L3P L . -8.84 2.56 -1.81
C25 L3P L . -7.60 0.56 -0.65
C26 L3P L . -6.88 0.33 0.78
C27 L3P L . -5.45 -0.44 0.76
C28 L3P L . -5.32 -1.46 1.99
C29 L3P L . -5.29 -2.86 1.48
C30 L3P L . -4.07 -1.29 2.74
C11 L3P M . -9.39 6.52 -5.99
C12 L3P M . -8.24 7.13 -5.03
C13 L3P M . -6.84 6.36 -4.91
C14 L3P M . -7.07 4.85 -4.42
C15 L3P M . -5.85 7.21 -3.85
C16 L3P M . -5.59 8.71 -4.33
C17 L3P M . -5.77 9.91 -3.33
C18 L3P M . -6.25 9.71 -1.76
C19 L3P M . -7.08 10.93 -1.13
C20 L3P M . -4.95 9.44 -0.87
C21 L3P M . -3.82 10.54 -0.61
C22 L3P M . -2.46 9.81 -0.18
C23 L3P M . -1.23 10.79 0.11
C24 L3P M . -0.93 11.65 -1.13
C25 L3P M . 0.12 9.93 0.55
C26 L3P M . 1.42 10.48 1.33
C27 L3P M . 2.61 9.41 1.63
C28 L3P M . 2.48 8.83 3.12
C29 L3P M . 2.64 7.35 3.09
C30 L3P M . 3.55 9.33 4.00
C1 BNG N . -18.31 24.91 -9.78
C2 BNG N . -18.52 25.12 -11.33
C3 BNG N . -20.05 25.02 -11.67
C4 BNG N . -20.56 23.61 -11.24
C5 BNG N . -20.34 23.41 -9.69
C6 BNG N . -20.81 22.01 -9.24
C1' BNG N . -16.52 24.82 -8.05
C2' BNG N . -15.00 24.77 -7.95
C3' BNG N . -14.53 24.58 -6.52
C4' BNG N . -13.19 23.87 -6.46
C5' BNG N . -12.60 23.88 -5.06
C6' BNG N . -11.16 23.41 -5.05
C7' BNG N . -10.58 23.40 -3.66
C8' BNG N . -9.15 23.94 -3.67
C9' BNG N . -8.76 24.41 -2.29
O1 BNG N . -16.89 24.99 -9.45
O2 BNG N . -18.01 26.41 -11.69
O3 BNG N . -20.24 25.20 -13.07
O4 BNG N . -21.94 23.49 -11.54
O5 BNG N . -18.88 23.57 -9.40
O6 BNG N . -20.24 20.97 -10.03
C1 BNG O . 2.60 -7.82 22.89
C2 BNG O . 3.75 -8.41 23.82
C3 BNG O . 3.84 -7.54 25.13
C4 BNG O . 4.19 -6.08 24.74
C5 BNG O . 3.05 -5.50 23.80
C6 BNG O . 3.36 -4.04 23.37
C1' BNG O . 1.48 -8.22 20.71
C2' BNG O . 0.34 -9.23 20.76
C3' BNG O . -0.77 -8.86 19.80
C4' BNG O . -2.14 -9.29 20.31
C5' BNG O . -3.25 -8.42 19.75
C6' BNG O . -4.18 -9.20 18.85
C7' BNG O . -5.29 -8.34 18.28
C8' BNG O . -5.57 -8.71 16.84
C9' BNG O . -7.06 -8.71 16.57
O1 BNG O . 2.51 -8.63 21.66
O2 BNG O . 3.45 -9.77 24.14
O3 BNG O . 4.87 -8.06 25.97
O4 BNG O . 4.29 -5.25 25.90
O5 BNG O . 2.93 -6.38 22.60
O6 BNG O . 4.50 -3.98 22.51
C1 RET P . 0.51 -17.54 -6.92
C2 RET P . 0.16 -17.55 -8.47
C3 RET P . 1.20 -17.22 -9.43
C4 RET P . 2.53 -17.90 -9.16
C5 RET P . 2.94 -18.05 -7.70
C6 RET P . 2.06 -17.88 -6.61
C7 RET P . 2.63 -18.01 -5.18
C8 RET P . 2.02 -17.84 -3.99
C9 RET P . 2.55 -18.11 -2.66
C10 RET P . 1.71 -17.86 -1.61
C11 RET P . 1.95 -18.10 -0.20
C12 RET P . 1.00 -17.81 0.69
C13 RET P . 1.06 -17.94 2.16
C14 RET P . -0.05 -17.53 2.83
C15 RET P . -0.30 -17.37 4.26
C16 RET P . 0.16 -16.10 -6.51
C17 RET P . -0.49 -18.52 -6.30
C18 RET P . 4.43 -18.38 -7.59
C19 RET P . 3.94 -18.68 -2.48
C20 RET P . 2.30 -18.43 2.87
C11 L3P Q . -12.83 -3.55 -0.79
C12 L3P Q . -11.76 -3.83 0.37
C13 L3P Q . -10.29 -3.19 0.27
C14 L3P Q . -9.59 -3.65 -1.11
C15 L3P Q . -9.38 -3.65 1.59
C16 L3P Q . -10.08 -3.18 2.97
C17 L3P Q . -10.21 -4.18 4.17
C18 L3P Q . -9.66 -5.74 4.10
C19 L3P Q . -10.78 -6.85 3.83
C20 L3P Q . -8.93 -6.08 5.48
C21 L3P Q . -7.51 -6.78 5.52
C22 L3P Q . -6.55 -6.04 6.54
C23 L3P Q . -5.10 -6.68 6.64
C24 L3P Q . -5.21 -8.15 7.08
C25 L3P Q . -4.12 -5.85 7.71
C26 L3P Q . -2.59 -5.42 7.45
C27 L3P Q . -1.81 -4.62 8.64
C28 L3P Q . -0.24 -4.90 8.55
C29 L3P Q . 0.48 -3.63 8.26
C30 L3P Q . 0.32 -5.41 9.81
C11 L3P R . -19.55 -6.29 -12.53
C12 L3P R . -18.15 -6.68 -11.80
C13 L3P R . -16.77 -6.17 -12.44
C14 L3P R . -16.63 -6.68 -13.96
C15 L3P R . -15.49 -6.71 -11.50
C16 L3P R . -15.62 -6.20 -9.98
C17 L3P R . -14.34 -6.08 -9.07
C18 L3P R . -12.84 -6.49 -9.63
C19 L3P R . -12.34 -7.98 -9.28
C20 L3P R . -11.79 -5.43 -9.04
C21 L3P R . -11.46 -5.32 -7.49
C22 L3P R . -9.95 -4.88 -7.27
C23 L3P R . -9.52 -4.74 -5.75
C24 L3P R . -10.42 -3.69 -5.05
C25 L3P R . -7.92 -4.29 -5.61
C26 L3P R . -6.83 -4.87 -4.57
C27 L3P R . -5.33 -4.25 -4.66
C28 L3P R . -4.40 -4.81 -3.48
C29 L3P R . -3.00 -4.94 -3.96
C30 L3P R . -4.36 -3.91 -2.32
C1 BNG S . 19.83 -11.67 -7.37
C2 BNG S . 21.39 -11.39 -7.32
C3 BNG S . 22.13 -12.62 -6.69
C4 BNG S . 21.59 -12.84 -5.24
C5 BNG S . 20.02 -13.12 -5.29
C6 BNG S . 19.45 -13.31 -3.87
C1' BNG S . 17.69 -10.63 -8.08
C2' BNG S . 17.34 -10.78 -9.56
C3' BNG S . 15.84 -10.90 -9.75
C4' BNG S . 15.46 -11.10 -11.22
C5' BNG S . 14.08 -11.74 -11.35
C6' BNG S . 13.07 -10.75 -11.91
C7' BNG S . 11.69 -11.37 -12.03
C8' BNG S . 10.67 -10.32 -12.43
C9' BNG S . 9.93 -10.74 -13.68
O1 BNG S . 19.14 -10.52 -7.96
O2 BNG S . 21.87 -11.15 -8.66
O3 BNG S . 23.53 -12.37 -6.65
O4 BNG S . 22.24 -13.96 -4.63
O5 BNG S . 19.36 -11.94 -5.95
O6 BNG S . 19.56 -12.14 -3.08
#